data_4OLC
#
_entry.id   4OLC
#
_cell.length_a   70.297
_cell.length_b   98.178
_cell.length_c   102.674
_cell.angle_alpha   90.00
_cell.angle_beta   107.57
_cell.angle_gamma   90.00
#
_symmetry.space_group_name_H-M   'P 1 21 1'
#
loop_
_entity.id
_entity.type
_entity.pdbx_description
1 polymer 'Carbamate kinase'
2 non-polymer 'CITRIC ACID'
3 non-polymer 'DIETHYLCARBAMODITHIOIC ACID'
4 water water
#
_entity_poly.entity_id   1
_entity_poly.type   'polypeptide(L)'
_entity_poly.pdbx_seq_one_letter_code
;GMSAGKTVVIALGGNAMLQAKEKGDYDTQRKNVEIAASEIYKIHKAGYKVVLTSGNGPQVGAIKLQNQAAAGVSPEMPLH
VCGAMSQGFIGYMMSQAMDNVFCANNEPANCVTCVTQTLVDPKDQAFTNPTKPVGRFYTEQEAKDLMAANPGKILREDAG
RGWRVVVPSPRPLEIVEYGVIKTLIDNNVLVICTNGGGIPCKRENKVISGVDAVIDKDLATSLLAKTLNSDYLMILTDVL
NACINYKKPDERKLEEIKLSEILALEKDGHFAAGSMGPKVRAAIEFTQATGKMSIITSLSTAVDALNGKCGTRIIKD
;
_entity_poly.pdbx_strand_id   A,B,C,D
#
loop_
_chem_comp.id
_chem_comp.type
_chem_comp.name
_chem_comp.formula
CIT non-polymer 'CITRIC ACID' 'C6 H8 O7'
DCD non-polymer 'DIETHYLCARBAMODITHIOIC ACID' 'C5 H11 N S2'
#
# COMPACT_ATOMS: atom_id res chain seq x y z
N SER A 3 -44.66 7.79 22.02
CA SER A 3 -44.62 7.18 23.34
C SER A 3 -45.62 6.03 23.37
N ALA A 4 -46.74 6.24 22.66
CA ALA A 4 -47.84 5.29 22.61
C ALA A 4 -47.70 4.33 21.43
N GLY A 5 -46.73 4.60 20.55
CA GLY A 5 -46.55 3.85 19.34
C GLY A 5 -46.15 2.40 19.52
N LYS A 6 -46.54 1.56 18.57
CA LYS A 6 -46.08 0.20 18.52
C LYS A 6 -44.65 0.22 17.98
N THR A 7 -43.94 -0.87 18.23
CA THR A 7 -42.55 -0.95 17.84
C THR A 7 -42.41 -1.79 16.59
N VAL A 8 -41.73 -1.23 15.60
CA VAL A 8 -41.33 -2.03 14.47
C VAL A 8 -39.81 -2.04 14.32
N VAL A 9 -39.27 -3.24 14.22
CA VAL A 9 -37.86 -3.45 14.00
C VAL A 9 -37.61 -3.68 12.52
N ILE A 10 -36.85 -2.77 11.91
CA ILE A 10 -36.73 -2.71 10.46
C ILE A 10 -35.30 -2.93 9.95
N ALA A 11 -35.15 -3.90 9.04
CA ALA A 11 -33.82 -4.26 8.54
C ALA A 11 -33.62 -3.85 7.07
N LEU A 12 -32.68 -2.96 6.83
CA LEU A 12 -32.40 -2.48 5.49
C LEU A 12 -31.51 -3.43 4.72
N GLY A 13 -31.72 -3.52 3.43
CA GLY A 13 -30.87 -4.35 2.61
C GLY A 13 -29.79 -3.58 1.87
N GLY A 14 -29.17 -4.23 0.90
CA GLY A 14 -28.18 -3.58 0.06
C GLY A 14 -28.71 -2.28 -0.51
N ASN A 15 -29.78 -2.37 -1.32
CA ASN A 15 -30.32 -1.22 -2.04
C ASN A 15 -30.50 0.01 -1.12
N ALA A 16 -30.15 -0.16 0.14
CA ALA A 16 -30.19 0.95 1.06
C ALA A 16 -28.99 1.84 0.83
N MET A 17 -27.85 1.21 0.52
CA MET A 17 -26.57 1.91 0.36
C MET A 17 -25.99 1.78 -1.05
N LEU A 18 -26.14 0.60 -1.64
CA LEU A 18 -25.71 0.34 -3.01
C LEU A 18 -26.86 -0.24 -3.86
N GLN A 19 -27.16 0.43 -4.97
CA GLN A 19 -27.98 -0.14 -6.03
C GLN A 19 -27.09 -1.10 -6.82
N ALA A 20 -27.62 -1.68 -7.89
CA ALA A 20 -26.84 -2.63 -8.70
C ALA A 20 -25.77 -1.90 -9.51
N LYS A 21 -24.57 -2.47 -9.50
CA LYS A 21 -23.48 -1.98 -10.34
C LYS A 21 -23.02 -0.57 -9.99
N GLU A 22 -23.45 -0.03 -8.86
CA GLU A 22 -22.90 1.23 -8.41
C GLU A 22 -21.56 0.93 -7.77
N LYS A 23 -20.67 1.91 -7.77
CA LYS A 23 -19.40 1.78 -7.06
C LYS A 23 -19.56 2.38 -5.65
N GLY A 24 -18.95 1.71 -4.66
CA GLY A 24 -19.11 2.08 -3.27
C GLY A 24 -18.25 3.23 -2.78
N ASP A 25 -18.40 4.41 -3.38
CA ASP A 25 -17.78 5.59 -2.81
C ASP A 25 -18.80 6.26 -1.90
N TYR A 26 -18.34 7.23 -1.14
CA TYR A 26 -19.21 7.92 -0.22
C TYR A 26 -20.48 8.52 -0.84
N ASP A 27 -20.37 9.54 -1.68
CA ASP A 27 -21.57 10.25 -2.13
C ASP A 27 -22.65 9.33 -2.70
N THR A 28 -22.24 8.29 -3.42
CA THR A 28 -23.17 7.31 -3.95
C THR A 28 -23.95 6.66 -2.80
N GLN A 29 -23.22 6.26 -1.78
CA GLN A 29 -23.83 5.58 -0.64
C GLN A 29 -24.71 6.52 0.18
N ARG A 30 -24.29 7.78 0.30
CA ARG A 30 -25.03 8.75 1.08
C ARG A 30 -26.40 8.95 0.46
N LYS A 31 -26.44 9.04 -0.87
CA LYS A 31 -27.70 9.30 -1.57
C LYS A 31 -28.71 8.17 -1.34
N ASN A 32 -28.26 6.93 -1.50
CA ASN A 32 -29.12 5.77 -1.28
C ASN A 32 -29.67 5.74 0.14
N VAL A 33 -28.79 5.93 1.12
CA VAL A 33 -29.24 6.12 2.49
C VAL A 33 -30.30 7.22 2.61
N GLU A 34 -30.06 8.37 1.99
CA GLU A 34 -31.00 9.49 2.04
C GLU A 34 -32.39 9.12 1.51
N ILE A 35 -32.43 8.32 0.44
CA ILE A 35 -33.69 7.87 -0.12
C ILE A 35 -34.43 6.91 0.80
N ALA A 36 -33.68 6.14 1.58
CA ALA A 36 -34.27 5.23 2.57
C ALA A 36 -34.72 5.97 3.83
N ALA A 37 -33.93 6.95 4.27
CA ALA A 37 -34.30 7.75 5.42
C ALA A 37 -35.69 8.31 5.15
N SER A 38 -35.91 8.76 3.92
CA SER A 38 -37.22 9.29 3.50
C SER A 38 -38.37 8.31 3.70
N GLU A 39 -38.15 7.06 3.33
CA GLU A 39 -39.16 6.03 3.49
C GLU A 39 -39.39 5.66 4.95
N ILE A 40 -38.30 5.52 5.70
CA ILE A 40 -38.38 5.16 7.12
C ILE A 40 -39.04 6.27 7.94
N TYR A 41 -38.81 7.52 7.57
CA TYR A 41 -39.46 8.62 8.26
C TYR A 41 -40.98 8.61 8.16
N LYS A 42 -41.54 7.90 7.20
CA LYS A 42 -43.01 7.84 7.12
C LYS A 42 -43.54 7.01 8.29
N ILE A 43 -42.79 5.98 8.66
CA ILE A 43 -43.22 5.08 9.69
C ILE A 43 -43.18 5.79 11.06
N HIS A 44 -42.12 6.55 11.27
CA HIS A 44 -41.98 7.38 12.46
C HIS A 44 -43.12 8.38 12.54
N LYS A 45 -43.42 9.02 11.40
CA LYS A 45 -44.54 9.97 11.33
C LYS A 45 -45.86 9.28 11.63
N ALA A 46 -46.08 8.11 11.05
CA ALA A 46 -47.27 7.34 11.34
C ALA A 46 -47.34 7.13 12.84
N GLY A 47 -46.18 7.22 13.49
CA GLY A 47 -46.15 7.20 14.95
C GLY A 47 -45.65 5.90 15.54
N TYR A 48 -45.03 5.07 14.71
CA TYR A 48 -44.39 3.84 15.17
C TYR A 48 -43.09 4.11 15.91
N LYS A 49 -42.75 3.22 16.83
CA LYS A 49 -41.44 3.28 17.44
C LYS A 49 -40.49 2.42 16.62
N VAL A 50 -39.46 3.08 16.08
CA VAL A 50 -38.58 2.46 15.10
C VAL A 50 -37.21 2.04 15.62
N VAL A 51 -36.90 0.75 15.50
CA VAL A 51 -35.54 0.28 15.62
C VAL A 51 -35.02 -0.09 14.22
N LEU A 52 -33.90 0.53 13.84
CA LEU A 52 -33.32 0.35 12.52
C LEU A 52 -32.07 -0.50 12.55
N THR A 53 -32.05 -1.52 11.70
CA THR A 53 -30.85 -2.31 11.46
C THR A 53 -30.55 -2.33 9.97
N SER A 54 -29.49 -3.04 9.59
CA SER A 54 -29.11 -3.06 8.19
C SER A 54 -28.11 -4.16 8.02
N GLY A 55 -27.69 -4.34 6.77
CA GLY A 55 -26.55 -5.17 6.42
C GLY A 55 -25.24 -4.40 6.25
N ASN A 56 -24.21 -5.15 5.89
CA ASN A 56 -22.82 -4.85 6.16
C ASN A 56 -21.96 -5.15 4.95
N GLY A 57 -22.42 -6.14 4.17
CA GLY A 57 -21.58 -6.93 3.28
C GLY A 57 -20.59 -6.19 2.44
N PRO A 58 -21.10 -5.30 1.58
CA PRO A 58 -20.24 -4.48 0.73
C PRO A 58 -19.35 -3.55 1.54
N GLN A 59 -19.80 -3.10 2.72
CA GLN A 59 -19.02 -2.14 3.48
C GLN A 59 -17.86 -2.76 4.28
N VAL A 60 -18.15 -3.84 5.01
CA VAL A 60 -17.13 -4.51 5.81
C VAL A 60 -16.14 -5.21 4.88
N GLY A 61 -16.64 -5.65 3.72
CA GLY A 61 -15.79 -6.24 2.71
C GLY A 61 -14.75 -5.24 2.24
N ALA A 62 -15.22 -4.05 1.89
CA ALA A 62 -14.37 -2.95 1.47
C ALA A 62 -13.29 -2.63 2.51
N ILE A 63 -13.70 -2.52 3.77
CA ILE A 63 -12.79 -2.19 4.86
C ILE A 63 -11.74 -3.28 5.04
N LYS A 64 -12.15 -4.53 4.89
CA LYS A 64 -11.23 -5.65 5.01
C LYS A 64 -10.25 -5.65 3.83
N LEU A 65 -10.72 -5.23 2.66
CA LEU A 65 -9.88 -5.13 1.47
C LEU A 65 -8.90 -3.99 1.64
N GLN A 66 -9.32 -2.93 2.33
CA GLN A 66 -8.42 -1.81 2.60
C GLN A 66 -7.31 -2.21 3.57
N ASN A 67 -7.70 -2.91 4.62
CA ASN A 67 -6.77 -3.40 5.62
C ASN A 67 -5.72 -4.36 5.06
N GLN A 68 -6.14 -5.18 4.09
CA GLN A 68 -5.28 -6.12 3.41
C GLN A 68 -4.33 -5.34 2.53
N ALA A 69 -4.89 -4.52 1.63
CA ALA A 69 -4.13 -3.73 0.67
C ALA A 69 -3.15 -2.71 1.27
N ALA A 70 -3.41 -2.24 2.49
CA ALA A 70 -2.52 -1.22 3.06
C ALA A 70 -1.58 -1.80 4.08
N ALA A 71 -1.60 -3.12 4.24
CA ALA A 71 -0.76 -3.80 5.24
C ALA A 71 0.73 -3.42 5.24
N GLY A 72 1.25 -3.02 4.09
CA GLY A 72 2.64 -2.62 4.01
C GLY A 72 2.90 -1.32 4.74
N VAL A 73 1.85 -0.54 4.90
CA VAL A 73 1.94 0.80 5.46
C VAL A 73 1.24 0.95 6.84
N SER A 74 0.07 0.34 7.01
CA SER A 74 -0.64 0.42 8.29
C SER A 74 -1.10 -0.92 8.83
N PRO A 75 -1.07 -1.10 10.15
CA PRO A 75 -1.44 -2.41 10.69
C PRO A 75 -2.83 -2.87 10.25
N GLU A 76 -2.88 -4.03 9.61
CA GLU A 76 -4.13 -4.61 9.16
C GLU A 76 -4.94 -5.07 10.37
N MET A 77 -6.24 -4.79 10.37
CA MET A 77 -7.11 -5.09 11.48
C MET A 77 -7.93 -6.33 11.18
N PRO A 78 -8.25 -7.13 12.22
CA PRO A 78 -9.03 -8.36 12.04
C PRO A 78 -10.48 -8.08 11.60
N LEU A 79 -11.15 -9.11 11.10
CA LEU A 79 -12.49 -8.95 10.52
C LEU A 79 -13.47 -8.30 11.50
N HIS A 80 -13.47 -8.78 12.75
CA HIS A 80 -14.38 -8.26 13.77
C HIS A 80 -14.21 -6.76 14.02
N VAL A 81 -12.97 -6.28 14.11
CA VAL A 81 -12.68 -4.84 14.14
C VAL A 81 -13.20 -4.09 12.90
N CYS A 82 -13.12 -4.74 11.73
CA CYS A 82 -13.49 -4.13 10.47
C CYS A 82 -14.98 -3.95 10.41
N GLY A 83 -15.68 -4.93 10.99
CA GLY A 83 -17.11 -4.83 11.23
C GLY A 83 -17.50 -3.64 12.11
N ALA A 84 -16.84 -3.48 13.26
CA ALA A 84 -17.07 -2.34 14.11
C ALA A 84 -16.87 -1.02 13.37
N MET A 85 -15.83 -0.94 12.54
CA MET A 85 -15.61 0.24 11.73
C MET A 85 -16.73 0.49 10.75
N SER A 86 -17.35 -0.59 10.24
CA SER A 86 -18.44 -0.43 9.26
C SER A 86 -19.72 0.00 9.97
N GLN A 87 -19.92 -0.50 11.18
CA GLN A 87 -21.00 -0.04 12.04
C GLN A 87 -20.92 1.46 12.27
N GLY A 88 -19.73 1.98 12.54
CA GLY A 88 -19.54 3.41 12.69
C GLY A 88 -19.88 4.21 11.44
N PHE A 89 -19.55 3.67 10.27
CA PHE A 89 -19.69 4.40 9.01
C PHE A 89 -21.13 4.37 8.50
N ILE A 90 -21.71 3.18 8.45
CA ILE A 90 -23.10 2.99 8.08
C ILE A 90 -23.98 3.73 9.09
N GLY A 91 -23.74 3.45 10.37
CA GLY A 91 -24.48 4.09 11.46
C GLY A 91 -24.50 5.61 11.37
N TYR A 92 -23.34 6.18 11.08
CA TYR A 92 -23.20 7.62 10.88
C TYR A 92 -24.03 8.11 9.71
N MET A 93 -23.91 7.44 8.57
CA MET A 93 -24.65 7.84 7.38
C MET A 93 -26.14 7.80 7.68
N MET A 94 -26.55 6.72 8.33
CA MET A 94 -27.94 6.48 8.63
C MET A 94 -28.49 7.48 9.65
N SER A 95 -27.77 7.73 10.74
CA SER A 95 -28.27 8.66 11.73
C SER A 95 -28.27 10.11 11.20
N GLN A 96 -27.31 10.46 10.35
CA GLN A 96 -27.30 11.78 9.71
C GLN A 96 -28.43 11.99 8.71
N ALA A 97 -28.76 10.95 7.95
CA ALA A 97 -29.87 11.06 7.02
C ALA A 97 -31.13 11.23 7.85
N MET A 98 -31.26 10.41 8.89
CA MET A 98 -32.43 10.47 9.74
C MET A 98 -32.60 11.83 10.41
N ASP A 99 -31.53 12.34 11.00
CA ASP A 99 -31.58 13.69 11.53
C ASP A 99 -32.10 14.62 10.45
N ASN A 100 -31.60 14.50 9.22
CA ASN A 100 -31.97 15.46 8.17
C ASN A 100 -33.45 15.37 7.77
N VAL A 101 -34.02 14.18 7.75
CA VAL A 101 -35.43 14.05 7.42
C VAL A 101 -36.24 14.65 8.53
N PHE A 102 -35.92 14.29 9.78
CA PHE A 102 -36.60 14.88 10.92
C PHE A 102 -36.63 16.41 10.80
N CYS A 103 -35.47 17.03 10.62
CA CYS A 103 -35.40 18.49 10.62
C CYS A 103 -36.07 19.10 9.39
N ALA A 104 -36.01 18.37 8.28
CA ALA A 104 -36.70 18.78 7.07
C ALA A 104 -38.20 18.98 7.36
N ASN A 105 -38.71 18.18 8.29
CA ASN A 105 -40.13 18.15 8.65
C ASN A 105 -40.38 18.76 10.00
N ASN A 106 -39.47 19.63 10.42
CA ASN A 106 -39.63 20.40 11.65
C ASN A 106 -39.86 19.58 12.92
N GLU A 107 -39.26 18.40 12.97
CA GLU A 107 -39.22 17.64 14.19
C GLU A 107 -37.76 17.68 14.66
N PRO A 108 -37.50 18.22 15.85
CA PRO A 108 -36.08 18.19 16.17
C PRO A 108 -35.56 16.75 16.17
N ALA A 109 -34.29 16.58 15.86
CA ALA A 109 -33.68 15.25 15.78
C ALA A 109 -33.83 14.48 17.09
N ASN A 110 -33.97 13.16 16.99
CA ASN A 110 -33.95 12.28 18.15
C ASN A 110 -33.67 10.84 17.71
N CYS A 111 -32.41 10.57 17.43
CA CYS A 111 -31.97 9.33 16.83
C CYS A 111 -30.52 9.15 17.20
N VAL A 112 -30.06 7.90 17.27
CA VAL A 112 -28.67 7.55 17.54
C VAL A 112 -28.37 6.20 16.95
N THR A 113 -27.10 6.03 16.58
CA THR A 113 -26.55 4.72 16.25
C THR A 113 -25.75 4.19 17.43
N CYS A 114 -26.02 2.95 17.83
CA CYS A 114 -25.29 2.26 18.89
C CYS A 114 -24.33 1.20 18.35
N VAL A 115 -23.04 1.33 18.59
CA VAL A 115 -22.15 0.23 18.25
C VAL A 115 -22.68 -1.04 18.93
N THR A 116 -22.82 -2.12 18.17
CA THR A 116 -23.42 -3.35 18.71
C THR A 116 -22.52 -4.58 18.60
N GLN A 117 -22.51 -5.40 19.63
CA GLN A 117 -21.84 -6.71 19.58
C GLN A 117 -22.86 -7.86 19.58
N THR A 118 -22.63 -8.88 18.76
CA THR A 118 -23.49 -10.06 18.83
C THR A 118 -22.74 -11.33 19.14
N LEU A 119 -22.96 -11.88 20.32
CA LEU A 119 -22.41 -13.18 20.70
C LEU A 119 -22.81 -14.26 19.72
N VAL A 120 -21.89 -15.18 19.47
CA VAL A 120 -22.18 -16.34 18.67
C VAL A 120 -21.49 -17.53 19.32
N ASP A 121 -21.74 -18.72 18.77
CA ASP A 121 -21.12 -19.94 19.28
C ASP A 121 -19.79 -20.15 18.54
N PRO A 122 -18.67 -20.12 19.28
CA PRO A 122 -17.39 -20.27 18.57
C PRO A 122 -17.27 -21.64 17.86
N LYS A 123 -18.16 -22.57 18.19
CA LYS A 123 -18.13 -23.88 17.53
C LYS A 123 -19.24 -24.05 16.49
N ASP A 124 -19.73 -22.93 15.96
CA ASP A 124 -20.69 -22.96 14.87
C ASP A 124 -19.93 -23.53 13.67
N GLN A 125 -20.60 -24.38 12.89
CA GLN A 125 -19.94 -25.02 11.77
C GLN A 125 -19.44 -24.04 10.70
N ALA A 126 -19.98 -22.83 10.71
CA ALA A 126 -19.66 -21.82 9.70
C ALA A 126 -18.22 -21.33 9.80
N PHE A 127 -17.56 -21.63 10.92
CA PHE A 127 -16.19 -21.15 11.12
C PHE A 127 -15.16 -21.98 10.38
N THR A 128 -15.59 -23.16 9.93
CA THR A 128 -14.71 -24.04 9.15
C THR A 128 -15.36 -24.32 7.79
N ASN A 129 -16.46 -23.64 7.53
CA ASN A 129 -17.07 -23.58 6.21
C ASN A 129 -17.57 -22.16 5.92
N PRO A 130 -16.62 -21.24 5.66
CA PRO A 130 -16.91 -19.88 5.18
C PRO A 130 -18.05 -19.85 4.15
N THR A 131 -19.03 -18.97 4.34
CA THR A 131 -20.25 -18.96 3.54
C THR A 131 -20.70 -17.57 3.06
N LYS A 132 -20.70 -16.59 3.96
CA LYS A 132 -21.22 -15.25 3.66
C LYS A 132 -20.33 -14.42 2.72
N PRO A 133 -20.83 -14.15 1.49
CA PRO A 133 -20.20 -13.31 0.48
C PRO A 133 -20.03 -11.88 0.98
N VAL A 134 -19.03 -11.19 0.43
CA VAL A 134 -18.62 -9.94 1.03
C VAL A 134 -17.79 -9.09 0.04
N GLY A 135 -17.98 -7.76 0.09
CA GLY A 135 -17.23 -6.84 -0.74
C GLY A 135 -17.71 -6.74 -2.18
N ARG A 136 -16.76 -6.69 -3.10
CA ARG A 136 -17.04 -6.47 -4.53
C ARG A 136 -16.89 -7.73 -5.38
N PHE A 137 -17.59 -7.78 -6.51
CA PHE A 137 -17.58 -8.95 -7.39
C PHE A 137 -16.31 -9.04 -8.27
N TYR A 138 -15.73 -10.24 -8.34
CA TYR A 138 -14.50 -10.47 -9.12
C TYR A 138 -14.80 -11.35 -10.34
N THR A 139 -13.79 -11.59 -11.17
CA THR A 139 -13.91 -12.53 -12.28
C THR A 139 -13.35 -13.90 -11.89
N GLU A 140 -13.88 -14.96 -12.50
CA GLU A 140 -13.27 -16.27 -12.38
C GLU A 140 -11.76 -16.10 -12.46
N GLN A 141 -11.33 -15.30 -13.42
CA GLN A 141 -9.93 -14.89 -13.56
C GLN A 141 -9.38 -14.24 -12.31
N GLU A 142 -10.09 -13.22 -11.84
CA GLU A 142 -9.56 -12.37 -10.78
C GLU A 142 -9.60 -13.05 -9.43
N ALA A 143 -10.43 -14.10 -9.30
CA ALA A 143 -10.58 -14.79 -8.01
C ALA A 143 -9.44 -15.78 -7.70
N LYS A 144 -8.92 -16.44 -8.74
CA LYS A 144 -7.88 -17.46 -8.57
C LYS A 144 -6.47 -16.89 -8.32
N ASP A 145 -6.16 -15.76 -8.94
CA ASP A 145 -4.91 -15.04 -8.67
C ASP A 145 -4.84 -14.69 -7.20
N LEU A 146 -5.90 -14.04 -6.71
CA LEU A 146 -6.05 -13.70 -5.30
C LEU A 146 -5.92 -14.94 -4.43
N MET A 147 -6.67 -15.98 -4.81
CA MET A 147 -6.70 -17.23 -4.04
C MET A 147 -5.41 -18.06 -4.17
N ALA A 148 -4.38 -17.49 -4.78
CA ALA A 148 -3.11 -18.19 -5.01
C ALA A 148 -1.91 -17.32 -4.64
N ALA A 149 -2.13 -16.00 -4.67
CA ALA A 149 -1.22 -15.06 -4.03
C ALA A 149 -1.65 -14.96 -2.57
N ASN A 150 -2.93 -15.26 -2.35
CA ASN A 150 -3.46 -15.56 -1.02
C ASN A 150 -4.00 -16.99 -1.00
N PRO A 151 -3.16 -17.95 -0.54
CA PRO A 151 -3.63 -19.35 -0.52
C PRO A 151 -4.92 -19.49 0.29
N GLY A 152 -4.96 -18.82 1.44
CA GLY A 152 -6.06 -18.93 2.39
C GLY A 152 -7.22 -17.98 2.19
N LYS A 153 -7.13 -17.12 1.18
CA LYS A 153 -8.29 -16.32 0.80
C LYS A 153 -9.28 -17.28 0.15
N ILE A 154 -10.56 -17.06 0.45
CA ILE A 154 -11.59 -17.92 -0.08
C ILE A 154 -12.61 -17.06 -0.84
N LEU A 155 -12.84 -17.42 -2.11
CA LEU A 155 -13.81 -16.74 -2.98
C LEU A 155 -14.82 -17.73 -3.59
N ARG A 156 -16.05 -17.25 -3.83
CA ARG A 156 -17.10 -18.09 -4.42
C ARG A 156 -18.09 -17.25 -5.24
N GLU A 157 -18.84 -17.91 -6.13
CA GLU A 157 -19.90 -17.27 -6.90
C GLU A 157 -21.08 -16.92 -6.01
N ASP A 158 -22.01 -16.09 -6.50
CA ASP A 158 -23.04 -15.48 -5.66
C ASP A 158 -24.23 -14.94 -6.47
N ALA A 159 -25.30 -15.75 -6.57
CA ALA A 159 -26.51 -15.37 -7.30
C ALA A 159 -26.31 -15.16 -8.80
N GLY A 160 -25.15 -15.59 -9.31
CA GLY A 160 -24.89 -15.59 -10.75
C GLY A 160 -24.27 -14.34 -11.34
N ARG A 161 -23.64 -13.52 -10.50
CA ARG A 161 -23.12 -12.23 -10.93
C ARG A 161 -21.59 -12.11 -10.94
N GLY A 162 -20.91 -13.03 -10.27
CA GLY A 162 -19.46 -12.99 -10.17
C GLY A 162 -18.94 -13.54 -8.86
N TRP A 163 -17.64 -13.36 -8.59
CA TRP A 163 -16.98 -13.95 -7.43
C TRP A 163 -16.84 -12.97 -6.27
N ARG A 164 -16.67 -13.51 -5.05
CA ARG A 164 -16.66 -12.69 -3.83
C ARG A 164 -15.95 -13.39 -2.67
N VAL A 165 -15.22 -12.62 -1.88
CA VAL A 165 -14.62 -13.16 -0.66
C VAL A 165 -15.70 -13.73 0.28
N VAL A 166 -15.30 -14.69 1.10
CA VAL A 166 -16.27 -15.44 1.88
C VAL A 166 -15.79 -15.63 3.33
N VAL A 167 -16.70 -15.44 4.29
CA VAL A 167 -16.33 -15.45 5.71
C VAL A 167 -17.32 -16.23 6.54
N PRO A 168 -16.89 -16.71 7.71
CA PRO A 168 -17.77 -17.47 8.60
C PRO A 168 -19.04 -16.69 8.92
N SER A 169 -20.21 -17.32 8.74
CA SER A 169 -21.50 -16.68 8.98
C SER A 169 -22.32 -17.36 10.10
N PRO A 170 -21.84 -17.29 11.35
CA PRO A 170 -22.41 -17.98 12.49
C PRO A 170 -23.80 -17.49 12.85
N ARG A 171 -24.64 -18.36 13.39
CA ARG A 171 -25.93 -17.96 13.95
C ARG A 171 -25.70 -17.11 15.22
N PRO A 172 -26.50 -16.04 15.39
CA PRO A 172 -26.45 -15.09 16.51
C PRO A 172 -27.23 -15.60 17.72
N LEU A 173 -26.61 -15.53 18.90
CA LEU A 173 -27.26 -15.98 20.14
C LEU A 173 -27.78 -14.82 20.96
N GLU A 174 -27.01 -13.73 20.97
CA GLU A 174 -27.38 -12.59 21.81
C GLU A 174 -26.82 -11.23 21.35
N ILE A 175 -27.67 -10.21 21.47
CA ILE A 175 -27.28 -8.82 21.33
C ILE A 175 -26.82 -8.27 22.68
N VAL A 176 -25.53 -7.99 22.81
CA VAL A 176 -25.00 -7.52 24.09
C VAL A 176 -25.67 -6.22 24.58
N GLU A 177 -25.90 -5.28 23.67
CA GLU A 177 -26.43 -3.97 24.03
C GLU A 177 -27.96 -3.95 24.08
N TYR A 178 -28.57 -5.12 24.17
CA TYR A 178 -30.02 -5.23 24.07
C TYR A 178 -30.75 -4.37 25.10
N GLY A 179 -30.30 -4.45 26.36
CA GLY A 179 -30.93 -3.73 27.44
C GLY A 179 -30.91 -2.23 27.22
N VAL A 180 -29.85 -1.73 26.60
CA VAL A 180 -29.71 -0.31 26.39
C VAL A 180 -30.56 0.12 25.19
N ILE A 181 -30.70 -0.78 24.22
CA ILE A 181 -31.56 -0.54 23.10
C ILE A 181 -33.01 -0.40 23.59
N LYS A 182 -33.40 -1.30 24.48
CA LYS A 182 -34.74 -1.27 25.01
C LYS A 182 -34.98 -0.01 25.86
N THR A 183 -33.96 0.42 26.60
CA THR A 183 -34.05 1.66 27.36
C THR A 183 -34.31 2.79 26.38
N LEU A 184 -33.63 2.74 25.22
CA LEU A 184 -33.78 3.76 24.19
C LEU A 184 -35.16 3.85 23.53
N ILE A 185 -35.74 2.75 23.02
CA ILE A 185 -37.07 2.88 22.42
C ILE A 185 -38.11 3.27 23.48
N ASP A 186 -37.98 2.72 24.68
CA ASP A 186 -38.83 3.09 25.80
C ASP A 186 -38.85 4.61 25.92
N ASN A 187 -37.77 5.25 25.50
CA ASN A 187 -37.71 6.69 25.60
C ASN A 187 -37.95 7.40 24.28
N ASN A 188 -38.40 6.62 23.30
CA ASN A 188 -38.83 7.20 22.03
C ASN A 188 -37.70 7.73 21.16
N VAL A 189 -36.53 7.16 21.34
CA VAL A 189 -35.40 7.47 20.47
C VAL A 189 -35.44 6.50 19.30
N LEU A 190 -35.35 7.03 18.09
CA LEU A 190 -35.24 6.18 16.92
C LEU A 190 -33.82 5.56 16.91
N VAL A 191 -33.74 4.27 17.18
CA VAL A 191 -32.48 3.60 17.43
C VAL A 191 -32.01 2.86 16.20
N ILE A 192 -30.74 3.06 15.88
CA ILE A 192 -30.09 2.37 14.79
C ILE A 192 -29.00 1.48 15.41
N CYS A 193 -29.12 0.19 15.21
CA CYS A 193 -28.15 -0.70 15.85
C CYS A 193 -27.98 -1.93 14.99
N THR A 194 -27.08 -2.81 15.41
CA THR A 194 -26.92 -4.12 14.78
C THR A 194 -26.64 -3.96 13.30
N ASN A 195 -25.70 -3.09 12.94
CA ASN A 195 -25.45 -2.77 11.55
C ASN A 195 -24.63 -3.84 10.85
N GLY A 196 -25.32 -4.72 10.14
CA GLY A 196 -24.65 -5.86 9.55
C GLY A 196 -24.72 -7.04 10.47
N GLY A 197 -25.58 -6.95 11.47
CA GLY A 197 -25.80 -8.07 12.37
C GLY A 197 -25.04 -7.95 13.68
N GLY A 198 -24.21 -6.91 13.81
CA GLY A 198 -23.41 -6.73 15.00
C GLY A 198 -22.05 -7.39 14.91
N ILE A 199 -21.09 -6.83 15.62
CA ILE A 199 -19.75 -7.36 15.67
C ILE A 199 -19.81 -8.73 16.34
N PRO A 200 -19.43 -9.79 15.62
CA PRO A 200 -19.51 -11.13 16.19
C PRO A 200 -18.51 -11.30 17.31
N CYS A 201 -18.99 -11.76 18.45
CA CYS A 201 -18.12 -11.99 19.59
C CYS A 201 -18.47 -13.34 20.16
N LYS A 202 -17.66 -13.77 21.12
CA LYS A 202 -18.00 -14.92 21.91
C LYS A 202 -17.75 -14.57 23.35
N ARG A 203 -18.55 -15.16 24.25
CA ARG A 203 -18.25 -15.05 25.67
C ARG A 203 -17.80 -16.38 26.24
N GLU A 204 -16.68 -16.35 26.95
CA GLU A 204 -16.25 -17.49 27.75
C GLU A 204 -15.56 -17.02 29.01
N ASN A 205 -16.03 -17.51 30.16
CA ASN A 205 -15.46 -17.12 31.43
C ASN A 205 -15.77 -15.67 31.74
N LYS A 206 -16.93 -15.21 31.29
CA LYS A 206 -17.36 -13.85 31.60
C LYS A 206 -16.41 -12.81 30.99
N VAL A 207 -15.80 -13.16 29.86
CA VAL A 207 -15.07 -12.16 29.06
C VAL A 207 -15.45 -12.24 27.58
N ILE A 208 -15.83 -11.11 27.02
CA ILE A 208 -16.23 -11.02 25.61
C ILE A 208 -15.01 -10.73 24.72
N SER A 209 -14.95 -11.37 23.56
CA SER A 209 -13.85 -11.16 22.63
C SER A 209 -14.32 -11.32 21.19
N GLY A 210 -13.79 -10.50 20.31
CA GLY A 210 -14.17 -10.56 18.91
C GLY A 210 -13.80 -11.89 18.30
N VAL A 211 -14.66 -12.34 17.39
CA VAL A 211 -14.39 -13.50 16.55
C VAL A 211 -14.57 -13.06 15.09
N ASP A 212 -13.74 -13.60 14.19
CA ASP A 212 -13.73 -13.14 12.78
C ASP A 212 -14.82 -13.75 11.92
N ALA A 213 -16.00 -13.12 11.93
CA ALA A 213 -17.13 -13.59 11.14
C ALA A 213 -17.88 -12.41 10.59
N VAL A 214 -18.99 -12.70 9.92
CA VAL A 214 -19.99 -11.70 9.63
C VAL A 214 -21.30 -12.43 9.78
N ILE A 215 -22.23 -11.83 10.53
CA ILE A 215 -23.48 -12.47 10.90
C ILE A 215 -24.55 -12.04 9.91
N ASP A 216 -25.43 -12.96 9.53
CA ASP A 216 -26.54 -12.61 8.66
C ASP A 216 -27.41 -11.52 9.34
N LYS A 217 -27.57 -10.39 8.66
CA LYS A 217 -28.29 -9.25 9.24
C LYS A 217 -29.74 -9.62 9.66
N ASP A 218 -30.36 -10.53 8.90
CA ASP A 218 -31.78 -10.82 9.10
C ASP A 218 -32.05 -11.63 10.37
N LEU A 219 -31.28 -12.69 10.60
CA LEU A 219 -31.42 -13.52 11.78
C LEU A 219 -31.18 -12.69 13.03
N ALA A 220 -30.23 -11.76 12.91
CA ALA A 220 -29.82 -10.94 14.03
C ALA A 220 -30.90 -9.95 14.37
N THR A 221 -31.59 -9.42 13.37
CA THR A 221 -32.69 -8.51 13.62
C THR A 221 -33.89 -9.29 14.11
N SER A 222 -34.08 -10.48 13.56
CA SER A 222 -35.13 -11.37 14.05
C SER A 222 -34.94 -11.62 15.56
N LEU A 223 -33.70 -11.84 15.96
CA LEU A 223 -33.37 -12.12 17.36
C LEU A 223 -33.54 -10.86 18.20
N LEU A 224 -33.08 -9.73 17.66
CA LEU A 224 -33.31 -8.44 18.29
C LEU A 224 -34.81 -8.15 18.47
N ALA A 225 -35.58 -8.25 17.39
CA ALA A 225 -37.01 -8.02 17.47
C ALA A 225 -37.66 -8.96 18.49
N LYS A 226 -37.25 -10.22 18.46
CA LYS A 226 -37.75 -11.24 19.36
C LYS A 226 -37.42 -10.95 20.83
N THR A 227 -36.24 -10.40 21.10
CA THR A 227 -35.87 -10.06 22.46
C THR A 227 -36.57 -8.77 22.93
N LEU A 228 -36.68 -7.80 22.04
CA LEU A 228 -37.34 -6.52 22.32
C LEU A 228 -38.84 -6.69 22.55
N ASN A 229 -39.39 -7.83 22.11
CA ASN A 229 -40.84 -8.01 22.02
C ASN A 229 -41.55 -7.02 21.07
N SER A 230 -40.86 -6.71 19.99
CA SER A 230 -41.38 -5.86 18.93
C SER A 230 -42.78 -6.31 18.53
N ASP A 231 -43.60 -5.36 18.08
CA ASP A 231 -44.91 -5.69 17.55
C ASP A 231 -44.82 -6.05 16.06
N TYR A 232 -43.67 -5.81 15.43
CA TYR A 232 -43.48 -6.12 14.02
C TYR A 232 -42.03 -6.43 13.70
N LEU A 233 -41.80 -7.29 12.71
CA LEU A 233 -40.48 -7.44 12.12
C LEU A 233 -40.57 -7.11 10.62
N MET A 234 -39.81 -6.10 10.19
CA MET A 234 -39.79 -5.70 8.78
C MET A 234 -38.42 -5.87 8.16
N ILE A 235 -38.32 -6.84 7.25
CA ILE A 235 -37.14 -6.95 6.40
C ILE A 235 -37.42 -6.24 5.10
N LEU A 236 -36.71 -5.16 4.85
CA LEU A 236 -36.88 -4.40 3.63
C LEU A 236 -35.92 -4.89 2.57
N THR A 237 -36.41 -5.05 1.35
CA THR A 237 -35.51 -5.37 0.26
C THR A 237 -35.74 -4.45 -0.96
N ASP A 238 -35.15 -4.77 -2.10
CA ASP A 238 -35.46 -4.03 -3.31
C ASP A 238 -36.61 -4.75 -4.02
N VAL A 239 -36.81 -6.02 -3.64
CA VAL A 239 -37.90 -6.83 -4.16
C VAL A 239 -39.17 -6.66 -3.29
N LEU A 240 -40.32 -6.77 -3.94
CA LEU A 240 -41.59 -6.33 -3.35
C LEU A 240 -42.42 -7.41 -2.63
N ASN A 241 -42.17 -8.68 -2.93
CA ASN A 241 -42.80 -9.81 -2.24
C ASN A 241 -41.83 -11.00 -2.08
N ALA A 242 -42.01 -11.76 -1.00
CA ALA A 242 -41.34 -13.06 -0.87
C ALA A 242 -42.04 -14.10 -1.75
N CYS A 243 -41.74 -14.06 -3.04
CA CYS A 243 -42.41 -14.92 -4.02
C CYS A 243 -41.71 -16.28 -4.21
N ILE A 244 -42.34 -17.11 -5.03
CA ILE A 244 -41.74 -18.37 -5.46
C ILE A 244 -41.59 -18.37 -6.98
N ARG A 252 -46.49 -18.01 -7.84
CA ARG A 252 -47.57 -17.42 -7.04
C ARG A 252 -47.07 -16.23 -6.24
N LYS A 253 -47.84 -15.14 -6.26
CA LYS A 253 -47.55 -13.98 -5.44
C LYS A 253 -47.97 -14.24 -3.99
N LEU A 254 -47.16 -13.77 -3.04
CA LEU A 254 -47.47 -13.96 -1.62
C LEU A 254 -47.89 -12.65 -0.94
N GLU A 255 -49.17 -12.53 -0.60
CA GLU A 255 -49.67 -11.34 0.10
C GLU A 255 -49.70 -11.67 1.59
N GLU A 256 -50.77 -11.34 2.29
CA GLU A 256 -50.90 -11.82 3.66
C GLU A 256 -50.98 -13.34 3.63
N ILE A 257 -50.06 -14.00 4.34
CA ILE A 257 -49.97 -15.46 4.33
C ILE A 257 -49.88 -16.00 5.74
N LYS A 258 -50.08 -17.30 5.88
CA LYS A 258 -50.14 -17.93 7.20
C LYS A 258 -48.80 -18.47 7.62
N LEU A 259 -48.64 -18.65 8.93
CA LEU A 259 -47.45 -19.29 9.46
C LEU A 259 -47.42 -20.74 9.01
N SER A 260 -48.59 -21.39 9.09
CA SER A 260 -48.73 -22.77 8.63
C SER A 260 -48.22 -22.92 7.20
N GLU A 261 -48.67 -22.02 6.32
CA GLU A 261 -48.38 -22.16 4.90
C GLU A 261 -46.97 -21.74 4.51
N ILE A 262 -46.54 -20.53 4.87
CA ILE A 262 -45.22 -20.09 4.44
C ILE A 262 -44.17 -21.08 4.91
N LEU A 263 -44.41 -21.68 6.08
CA LEU A 263 -43.54 -22.72 6.60
C LEU A 263 -43.42 -23.87 5.60
N ALA A 264 -44.57 -24.34 5.12
CA ALA A 264 -44.62 -25.43 4.15
C ALA A 264 -43.86 -25.09 2.88
N LEU A 265 -44.13 -23.91 2.32
CA LEU A 265 -43.48 -23.47 1.09
C LEU A 265 -41.96 -23.43 1.25
N GLU A 266 -41.50 -23.06 2.44
CA GLU A 266 -40.07 -23.10 2.73
C GLU A 266 -39.55 -24.53 2.68
N LYS A 267 -40.32 -25.46 3.25
CA LYS A 267 -39.96 -26.89 3.22
C LYS A 267 -40.06 -27.52 1.82
N ASP A 268 -41.12 -27.19 1.10
CA ASP A 268 -41.23 -27.61 -0.30
C ASP A 268 -40.19 -26.86 -1.16
N GLY A 269 -39.25 -26.21 -0.49
CA GLY A 269 -38.08 -25.61 -1.11
C GLY A 269 -38.35 -24.48 -2.09
N HIS A 270 -39.18 -23.52 -1.70
CA HIS A 270 -39.65 -22.51 -2.64
C HIS A 270 -38.83 -21.21 -2.73
N PHE A 271 -37.89 -21.03 -1.80
CA PHE A 271 -37.06 -19.82 -1.77
C PHE A 271 -35.59 -20.19 -1.85
N ALA A 272 -35.35 -21.49 -1.87
CA ALA A 272 -34.10 -22.10 -1.39
C ALA A 272 -32.76 -21.71 -2.04
N ALA A 273 -32.75 -21.43 -3.34
CA ALA A 273 -31.50 -21.13 -4.03
C ALA A 273 -31.28 -19.64 -4.26
N GLY A 274 -32.38 -18.90 -4.35
CA GLY A 274 -32.32 -17.47 -4.61
C GLY A 274 -31.69 -16.67 -3.49
N SER A 275 -32.42 -15.66 -3.02
CA SER A 275 -31.91 -14.77 -1.99
C SER A 275 -33.03 -14.41 -1.02
N MET A 276 -33.70 -15.43 -0.51
CA MET A 276 -34.87 -15.22 0.33
C MET A 276 -34.80 -16.13 1.53
N GLY A 277 -34.11 -17.25 1.35
CA GLY A 277 -33.99 -18.26 2.38
C GLY A 277 -33.87 -17.74 3.80
N PRO A 278 -32.81 -16.95 4.07
CA PRO A 278 -32.60 -16.45 5.44
C PRO A 278 -33.65 -15.43 5.84
N LYS A 279 -34.21 -14.71 4.87
CA LYS A 279 -35.24 -13.72 5.19
C LYS A 279 -36.54 -14.37 5.66
N VAL A 280 -36.97 -15.43 4.98
CA VAL A 280 -38.17 -16.13 5.40
C VAL A 280 -37.92 -16.91 6.70
N ARG A 281 -36.76 -17.55 6.82
CA ARG A 281 -36.36 -18.20 8.07
C ARG A 281 -36.46 -17.19 9.20
N ALA A 282 -35.91 -16.01 8.95
CA ALA A 282 -35.90 -14.95 9.96
C ALA A 282 -37.31 -14.62 10.42
N ALA A 283 -38.21 -14.39 9.48
CA ALA A 283 -39.56 -13.98 9.77
C ALA A 283 -40.33 -15.10 10.46
N ILE A 284 -40.33 -16.26 9.82
CA ILE A 284 -40.94 -17.45 10.42
C ILE A 284 -40.53 -17.53 11.89
N GLU A 285 -39.23 -17.44 12.16
CA GLU A 285 -38.74 -17.54 13.54
C GLU A 285 -39.30 -16.48 14.47
N PHE A 286 -39.48 -15.24 14.00
CA PHE A 286 -40.00 -14.18 14.85
C PHE A 286 -41.48 -14.38 15.17
N THR A 287 -42.31 -14.50 14.13
CA THR A 287 -43.73 -14.76 14.28
C THR A 287 -43.97 -16.02 15.09
N GLN A 288 -43.12 -17.02 14.84
CA GLN A 288 -43.16 -18.30 15.56
C GLN A 288 -42.94 -18.18 17.06
N ALA A 289 -42.07 -17.27 17.47
CA ALA A 289 -41.71 -17.16 18.88
C ALA A 289 -42.53 -16.08 19.55
N THR A 290 -43.28 -15.32 18.76
CA THR A 290 -43.88 -14.10 19.28
C THR A 290 -45.34 -13.93 18.90
N GLY A 291 -45.81 -14.68 17.91
CA GLY A 291 -47.16 -14.54 17.42
C GLY A 291 -47.40 -13.15 16.87
N LYS A 292 -46.33 -12.41 16.62
CA LYS A 292 -46.41 -11.07 16.00
C LYS A 292 -46.06 -11.09 14.51
N MET A 293 -46.54 -10.07 13.82
CA MET A 293 -46.42 -10.00 12.37
C MET A 293 -45.01 -9.67 11.88
N SER A 294 -44.47 -10.54 11.02
CA SER A 294 -43.28 -10.22 10.25
C SER A 294 -43.70 -9.70 8.88
N ILE A 295 -42.94 -8.76 8.34
CA ILE A 295 -43.22 -8.22 7.01
C ILE A 295 -41.97 -8.35 6.13
N ILE A 296 -42.15 -8.68 4.85
CA ILE A 296 -41.08 -8.59 3.84
C ILE A 296 -41.61 -7.84 2.61
N THR A 297 -41.40 -6.53 2.58
CA THR A 297 -41.74 -5.70 1.43
C THR A 297 -40.47 -5.07 0.89
N SER A 298 -40.62 -4.25 -0.15
CA SER A 298 -39.52 -3.44 -0.63
C SER A 298 -39.47 -2.16 0.16
N LEU A 299 -38.31 -1.49 0.09
CA LEU A 299 -38.11 -0.20 0.71
C LEU A 299 -39.21 0.77 0.30
N SER A 300 -39.61 0.65 -0.96
CA SER A 300 -40.54 1.58 -1.58
C SER A 300 -41.95 1.45 -1.03
N THR A 301 -42.21 0.36 -0.33
CA THR A 301 -43.55 0.05 0.18
C THR A 301 -43.61 -0.26 1.66
N ALA A 302 -42.67 0.27 2.43
CA ALA A 302 -42.63 -0.01 3.88
C ALA A 302 -43.92 0.40 4.61
N VAL A 303 -44.31 1.67 4.50
CA VAL A 303 -45.53 2.13 5.15
C VAL A 303 -46.76 1.36 4.65
N ASP A 304 -46.88 1.24 3.34
CA ASP A 304 -48.04 0.59 2.74
C ASP A 304 -48.23 -0.78 3.36
N ALA A 305 -47.15 -1.56 3.46
CA ALA A 305 -47.17 -2.86 4.13
C ALA A 305 -47.74 -2.81 5.55
N LEU A 306 -47.16 -1.97 6.39
CA LEU A 306 -47.68 -1.82 7.75
C LEU A 306 -49.12 -1.38 7.67
N ASN A 307 -49.42 -0.60 6.63
CA ASN A 307 -50.77 -0.11 6.41
C ASN A 307 -51.64 -1.19 5.80
N GLY A 308 -51.15 -2.43 5.84
CA GLY A 308 -51.92 -3.57 5.42
C GLY A 308 -52.53 -3.38 4.04
N LYS A 309 -51.78 -2.73 3.15
CA LYS A 309 -52.12 -2.65 1.75
C LYS A 309 -51.37 -3.73 1.04
N CYS A 310 -50.05 -3.62 0.92
CA CYS A 310 -49.30 -4.64 0.18
C CYS A 310 -48.26 -5.33 1.03
N GLY A 311 -47.54 -6.26 0.41
CA GLY A 311 -46.33 -6.82 0.97
C GLY A 311 -46.35 -8.32 1.01
N THR A 312 -45.37 -8.92 1.68
CA THR A 312 -45.60 -10.23 2.26
C THR A 312 -45.80 -10.03 3.76
N ARG A 313 -47.00 -10.31 4.22
CA ARG A 313 -47.33 -10.18 5.62
C ARG A 313 -47.53 -11.56 6.23
N ILE A 314 -46.53 -12.00 6.98
CA ILE A 314 -46.56 -13.30 7.62
C ILE A 314 -47.30 -13.24 8.94
N ILE A 315 -48.27 -14.13 9.11
CA ILE A 315 -49.20 -14.05 10.22
C ILE A 315 -49.40 -15.41 10.88
N LYS A 316 -49.65 -15.42 12.18
CA LYS A 316 -49.83 -16.67 12.91
C LYS A 316 -51.17 -17.33 12.59
N ASP A 317 -51.24 -18.64 12.78
CA ASP A 317 -52.48 -19.36 12.53
C ASP A 317 -53.58 -18.94 13.53
N SER B 3 -27.91 6.45 40.17
CA SER B 3 -29.22 7.05 39.97
C SER B 3 -29.38 8.27 40.88
N ALA B 4 -28.66 8.25 42.00
CA ALA B 4 -28.46 9.44 42.81
C ALA B 4 -27.01 9.95 42.70
N GLY B 5 -26.20 9.24 41.92
CA GLY B 5 -24.79 9.53 41.83
C GLY B 5 -24.57 10.76 40.98
N LYS B 6 -23.50 11.48 41.27
CA LYS B 6 -23.17 12.66 40.47
C LYS B 6 -22.60 12.23 39.13
N THR B 7 -22.62 13.13 38.16
CA THR B 7 -22.12 12.79 36.85
C THR B 7 -20.69 13.30 36.64
N VAL B 8 -19.79 12.41 36.20
CA VAL B 8 -18.49 12.86 35.73
C VAL B 8 -18.29 12.54 34.25
N VAL B 9 -17.94 13.56 33.46
CA VAL B 9 -17.58 13.40 32.07
C VAL B 9 -16.06 13.24 31.99
N ILE B 10 -15.63 12.08 31.51
CA ILE B 10 -14.21 11.74 31.48
C ILE B 10 -13.60 11.63 30.08
N ALA B 11 -12.58 12.43 29.81
CA ALA B 11 -11.90 12.39 28.51
C ALA B 11 -10.63 11.55 28.59
N LEU B 12 -10.63 10.38 27.97
CA LEU B 12 -9.41 9.59 27.85
C LEU B 12 -8.45 10.26 26.85
N GLY B 13 -7.16 10.06 27.06
CA GLY B 13 -6.19 10.51 26.09
C GLY B 13 -5.55 9.35 25.37
N GLY B 14 -4.52 9.64 24.57
CA GLY B 14 -3.87 8.64 23.74
C GLY B 14 -3.54 7.37 24.50
N ASN B 15 -2.91 7.54 25.67
CA ASN B 15 -2.44 6.40 26.44
C ASN B 15 -3.52 5.37 26.82
N ALA B 16 -4.75 5.62 26.38
CA ALA B 16 -5.82 4.67 26.64
C ALA B 16 -5.73 3.55 25.63
N MET B 17 -5.01 3.80 24.54
CA MET B 17 -4.81 2.81 23.49
C MET B 17 -3.33 2.65 23.12
N LEU B 18 -2.59 3.76 23.06
CA LEU B 18 -1.20 3.75 22.63
C LEU B 18 -0.22 4.38 23.64
N GLN B 19 0.69 3.56 24.16
CA GLN B 19 1.78 4.07 25.00
C GLN B 19 2.82 4.71 24.09
N ALA B 20 3.90 5.24 24.69
CA ALA B 20 4.95 5.95 23.96
C ALA B 20 5.49 5.22 22.74
N LYS B 21 4.83 5.45 21.60
CA LYS B 21 5.27 4.95 20.32
C LYS B 21 5.36 3.43 20.33
N GLU B 22 4.25 2.79 20.70
CA GLU B 22 3.99 1.40 20.36
C GLU B 22 3.44 1.42 18.95
N LYS B 23 2.99 0.27 18.47
CA LYS B 23 2.35 0.24 17.15
C LYS B 23 0.87 -0.06 17.25
N GLY B 24 0.08 0.60 16.42
CA GLY B 24 -1.36 0.53 16.54
C GLY B 24 -1.96 -0.73 15.96
N ASP B 25 -1.46 -1.88 16.38
CA ASP B 25 -2.14 -3.12 16.02
C ASP B 25 -3.22 -3.35 17.05
N TYR B 26 -4.30 -3.98 16.63
CA TYR B 26 -5.46 -4.19 17.47
C TYR B 26 -5.15 -4.69 18.87
N ASP B 27 -4.34 -5.73 18.98
CA ASP B 27 -4.07 -6.39 20.26
C ASP B 27 -3.37 -5.49 21.26
N THR B 28 -2.50 -4.64 20.74
CA THR B 28 -1.78 -3.71 21.57
C THR B 28 -2.74 -2.70 22.14
N GLN B 29 -3.64 -2.22 21.30
CA GLN B 29 -4.62 -1.21 21.73
C GLN B 29 -5.64 -1.75 22.74
N ARG B 30 -6.18 -2.93 22.47
CA ARG B 30 -7.12 -3.61 23.35
C ARG B 30 -6.55 -3.82 24.76
N LYS B 31 -5.27 -4.17 24.83
CA LYS B 31 -4.62 -4.44 26.10
C LYS B 31 -4.52 -3.13 26.85
N ASN B 32 -4.26 -2.06 26.12
CA ASN B 32 -4.24 -0.73 26.71
C ASN B 32 -5.63 -0.30 27.19
N VAL B 33 -6.66 -0.63 26.42
CA VAL B 33 -7.99 -0.18 26.72
C VAL B 33 -8.50 -0.95 27.91
N GLU B 34 -8.07 -2.20 28.05
CA GLU B 34 -8.51 -3.02 29.17
C GLU B 34 -7.91 -2.48 30.47
N ILE B 35 -6.70 -1.93 30.38
CA ILE B 35 -6.05 -1.27 31.51
C ILE B 35 -6.81 -0.02 31.96
N ALA B 36 -7.19 0.80 30.98
CA ALA B 36 -7.99 1.98 31.22
C ALA B 36 -9.37 1.62 31.82
N ALA B 37 -10.01 0.61 31.27
CA ALA B 37 -11.35 0.23 31.71
C ALA B 37 -11.37 -0.13 33.19
N SER B 38 -10.27 -0.63 33.73
CA SER B 38 -10.30 -0.98 35.14
C SER B 38 -10.17 0.28 36.01
N GLU B 39 -9.49 1.30 35.51
CA GLU B 39 -9.45 2.56 36.25
C GLU B 39 -10.84 3.18 36.25
N ILE B 40 -11.50 3.17 35.10
CA ILE B 40 -12.82 3.80 34.96
C ILE B 40 -13.88 3.08 35.78
N TYR B 41 -13.79 1.76 35.85
CA TYR B 41 -14.78 1.00 36.60
C TYR B 41 -14.86 1.47 38.06
N LYS B 42 -13.71 1.76 38.66
CA LYS B 42 -13.67 2.20 40.04
C LYS B 42 -14.55 3.42 40.20
N ILE B 43 -14.49 4.31 39.22
CA ILE B 43 -15.35 5.49 39.24
C ILE B 43 -16.82 5.06 39.23
N HIS B 44 -17.13 4.08 38.41
CA HIS B 44 -18.49 3.55 38.39
C HIS B 44 -18.83 2.93 39.74
N LYS B 45 -17.88 2.17 40.30
CA LYS B 45 -18.12 1.47 41.54
C LYS B 45 -18.34 2.44 42.69
N ALA B 46 -17.61 3.54 42.68
CA ALA B 46 -17.75 4.55 43.72
C ALA B 46 -19.12 5.20 43.61
N GLY B 47 -19.81 4.99 42.49
CA GLY B 47 -21.22 5.34 42.38
C GLY B 47 -21.53 6.56 41.51
N TYR B 48 -20.52 7.05 40.80
CA TYR B 48 -20.70 8.16 39.87
C TYR B 48 -21.33 7.66 38.60
N LYS B 49 -22.10 8.52 37.94
CA LYS B 49 -22.55 8.23 36.58
C LYS B 49 -21.44 8.65 35.64
N VAL B 50 -21.12 7.82 34.66
CA VAL B 50 -19.96 8.13 33.82
C VAL B 50 -20.33 8.39 32.38
N VAL B 51 -19.83 9.49 31.86
CA VAL B 51 -19.79 9.67 30.41
C VAL B 51 -18.32 9.60 29.98
N LEU B 52 -18.03 8.70 29.03
CA LEU B 52 -16.67 8.47 28.59
C LEU B 52 -16.43 8.98 27.20
N THR B 53 -15.51 9.91 27.04
CA THR B 53 -15.05 10.25 25.71
C THR B 53 -13.57 9.87 25.57
N SER B 54 -12.98 10.22 24.44
CA SER B 54 -11.57 9.90 24.20
C SER B 54 -11.13 10.70 23.02
N GLY B 55 -9.88 10.48 22.61
CA GLY B 55 -9.31 11.12 21.45
C GLY B 55 -9.29 10.16 20.25
N ASN B 56 -8.61 10.59 19.18
CA ASN B 56 -8.72 10.01 17.86
C ASN B 56 -7.37 9.79 17.18
N GLY B 57 -6.41 10.64 17.54
CA GLY B 57 -5.24 10.92 16.73
C GLY B 57 -4.76 9.78 15.87
N PRO B 58 -4.14 8.80 16.52
CA PRO B 58 -3.56 7.63 15.86
C PRO B 58 -4.57 6.79 15.10
N GLN B 59 -5.78 6.63 15.62
CA GLN B 59 -6.75 5.73 15.00
C GLN B 59 -7.37 6.27 13.70
N VAL B 60 -7.68 7.55 13.67
CA VAL B 60 -8.26 8.15 12.47
C VAL B 60 -7.13 8.41 11.48
N GLY B 61 -5.94 8.69 12.02
CA GLY B 61 -4.75 8.87 11.18
C GLY B 61 -4.48 7.60 10.40
N ALA B 62 -4.33 6.49 11.11
CA ALA B 62 -4.20 5.17 10.51
C ALA B 62 -5.30 4.82 9.49
N ILE B 63 -6.58 5.14 9.80
CA ILE B 63 -7.67 4.82 8.87
C ILE B 63 -7.60 5.67 7.59
N LYS B 64 -7.25 6.94 7.73
CA LYS B 64 -7.14 7.82 6.57
C LYS B 64 -5.91 7.40 5.73
N LEU B 65 -4.87 6.93 6.42
CA LEU B 65 -3.70 6.38 5.76
C LEU B 65 -4.10 5.11 5.01
N GLN B 66 -4.87 4.21 5.63
CA GLN B 66 -5.26 3.00 4.93
C GLN B 66 -6.16 3.33 3.75
N ASN B 67 -6.82 4.48 3.80
CA ASN B 67 -7.74 4.89 2.75
C ASN B 67 -7.05 5.57 1.56
N GLN B 68 -5.83 6.04 1.79
CA GLN B 68 -5.02 6.63 0.73
C GLN B 68 -4.22 5.53 0.04
N ALA B 69 -3.63 4.68 0.88
CA ALA B 69 -2.83 3.53 0.46
C ALA B 69 -3.58 2.46 -0.33
N ALA B 70 -4.91 2.59 -0.43
CA ALA B 70 -5.69 1.52 -1.05
C ALA B 70 -6.67 2.07 -2.05
N ALA B 71 -6.53 3.37 -2.33
CA ALA B 71 -7.37 4.02 -3.33
C ALA B 71 -7.32 3.30 -4.70
N GLY B 72 -6.23 2.59 -4.97
CA GLY B 72 -6.12 1.85 -6.22
C GLY B 72 -7.10 0.69 -6.28
N VAL B 73 -7.36 0.11 -5.12
CA VAL B 73 -8.14 -1.11 -5.02
C VAL B 73 -9.60 -0.86 -4.58
N SER B 74 -9.77 0.08 -3.65
CA SER B 74 -11.08 0.40 -3.05
C SER B 74 -11.28 1.92 -2.97
N PRO B 75 -12.52 2.40 -3.14
CA PRO B 75 -12.69 3.86 -3.18
C PRO B 75 -12.22 4.49 -1.88
N GLU B 76 -11.61 5.66 -1.98
CA GLU B 76 -11.04 6.33 -0.82
C GLU B 76 -12.11 7.12 -0.09
N MET B 77 -12.13 7.04 1.25
CA MET B 77 -13.14 7.76 2.03
C MET B 77 -12.58 9.07 2.58
N PRO B 78 -13.47 10.08 2.77
CA PRO B 78 -13.11 11.38 3.30
C PRO B 78 -12.78 11.30 4.80
N LEU B 79 -12.03 12.28 5.31
CA LEU B 79 -11.63 12.25 6.72
C LEU B 79 -12.82 12.15 7.70
N HIS B 80 -13.91 12.86 7.42
CA HIS B 80 -15.04 12.76 8.32
C HIS B 80 -15.61 11.34 8.39
N VAL B 81 -15.63 10.65 7.26
CA VAL B 81 -16.05 9.25 7.26
C VAL B 81 -15.03 8.38 7.94
N CYS B 82 -13.76 8.74 7.81
CA CYS B 82 -12.73 8.02 8.55
C CYS B 82 -12.95 8.17 10.06
N GLY B 83 -13.19 9.41 10.51
CA GLY B 83 -13.62 9.67 11.88
C GLY B 83 -14.72 8.74 12.37
N ALA B 84 -15.84 8.70 11.64
CA ALA B 84 -16.92 7.73 11.88
C ALA B 84 -16.41 6.31 12.13
N MET B 85 -15.60 5.78 11.21
CA MET B 85 -14.98 4.48 11.42
C MET B 85 -14.13 4.38 12.71
N SER B 86 -13.46 5.47 13.12
CA SER B 86 -12.63 5.45 14.32
C SER B 86 -13.51 5.32 15.58
N GLN B 87 -14.69 5.90 15.52
CA GLN B 87 -15.63 5.80 16.61
C GLN B 87 -16.10 4.36 16.72
N GLY B 88 -16.40 3.75 15.57
CA GLY B 88 -16.83 2.36 15.55
C GLY B 88 -15.80 1.48 16.22
N PHE B 89 -14.56 1.64 15.79
CA PHE B 89 -13.41 0.93 16.34
C PHE B 89 -13.14 1.23 17.83
N ILE B 90 -12.91 2.51 18.14
CA ILE B 90 -12.61 2.90 19.51
C ILE B 90 -13.77 2.57 20.45
N GLY B 91 -14.97 2.95 20.03
CA GLY B 91 -16.18 2.69 20.79
C GLY B 91 -16.37 1.20 20.99
N TYR B 92 -15.85 0.41 20.07
CA TYR B 92 -15.99 -1.03 20.18
C TYR B 92 -15.07 -1.62 21.28
N MET B 93 -13.83 -1.15 21.35
CA MET B 93 -12.85 -1.65 22.33
C MET B 93 -13.26 -1.21 23.71
N MET B 94 -13.60 0.06 23.80
CA MET B 94 -14.10 0.68 25.01
C MET B 94 -15.28 -0.10 25.63
N SER B 95 -16.34 -0.31 24.85
CA SER B 95 -17.53 -0.89 25.43
C SER B 95 -17.37 -2.39 25.70
N GLN B 96 -16.48 -3.04 24.94
CA GLN B 96 -16.15 -4.44 25.17
C GLN B 96 -15.32 -4.56 26.45
N ALA B 97 -14.38 -3.65 26.62
CA ALA B 97 -13.54 -3.67 27.81
C ALA B 97 -14.37 -3.32 29.05
N MET B 98 -15.30 -2.37 28.91
CA MET B 98 -16.14 -1.99 30.04
C MET B 98 -17.15 -3.08 30.39
N ASP B 99 -17.64 -3.81 29.39
CA ASP B 99 -18.56 -4.90 29.65
C ASP B 99 -17.85 -6.05 30.37
N ASN B 100 -16.54 -6.20 30.17
CA ASN B 100 -15.81 -7.30 30.79
C ASN B 100 -15.44 -7.00 32.24
N VAL B 101 -15.05 -5.76 32.51
CA VAL B 101 -14.80 -5.34 33.88
C VAL B 101 -16.09 -5.39 34.68
N PHE B 102 -17.19 -5.03 34.03
CA PHE B 102 -18.50 -5.11 34.69
C PHE B 102 -18.76 -6.56 35.12
N CYS B 103 -18.50 -7.50 34.22
CA CYS B 103 -18.80 -8.90 34.45
C CYS B 103 -17.72 -9.55 35.30
N ALA B 104 -16.56 -8.90 35.35
CA ALA B 104 -15.49 -9.38 36.22
C ALA B 104 -15.74 -8.98 37.69
N ASN B 105 -16.74 -8.12 37.91
CA ASN B 105 -17.22 -7.79 39.25
C ASN B 105 -18.67 -8.23 39.46
N ASN B 106 -19.13 -9.14 38.62
CA ASN B 106 -20.47 -9.71 38.76
C ASN B 106 -21.60 -8.68 38.78
N GLU B 107 -21.36 -7.61 38.05
CA GLU B 107 -22.34 -6.59 37.76
C GLU B 107 -22.69 -6.74 36.27
N PRO B 108 -23.99 -6.90 35.97
CA PRO B 108 -24.37 -7.04 34.56
C PRO B 108 -23.88 -5.85 33.73
N ALA B 109 -23.48 -6.13 32.50
CA ALA B 109 -22.98 -5.10 31.59
C ALA B 109 -24.08 -4.06 31.29
N ASN B 110 -23.73 -2.78 31.33
CA ASN B 110 -24.75 -1.77 31.04
C ASN B 110 -24.12 -0.51 30.50
N CYS B 111 -23.82 -0.52 29.22
CA CYS B 111 -22.87 0.41 28.67
C CYS B 111 -23.07 0.43 27.16
N VAL B 112 -22.88 1.60 26.56
CA VAL B 112 -23.02 1.72 25.12
C VAL B 112 -22.06 2.73 24.57
N THR B 113 -21.71 2.54 23.30
CA THR B 113 -21.09 3.56 22.49
C THR B 113 -22.09 4.12 21.47
N CYS B 114 -22.22 5.44 21.44
CA CYS B 114 -23.03 6.11 20.45
C CYS B 114 -22.18 6.80 19.43
N VAL B 115 -22.42 6.51 18.15
CA VAL B 115 -21.79 7.26 17.08
C VAL B 115 -22.22 8.70 17.31
N THR B 116 -21.32 9.65 17.05
CA THR B 116 -21.53 11.02 17.50
C THR B 116 -21.08 12.05 16.50
N GLN B 117 -21.99 12.96 16.17
CA GLN B 117 -21.69 14.09 15.30
C GLN B 117 -21.54 15.35 16.15
N THR B 118 -20.68 16.25 15.69
CA THR B 118 -20.39 17.47 16.39
C THR B 118 -20.41 18.60 15.37
N LEU B 119 -21.31 19.57 15.55
CA LEU B 119 -21.37 20.66 14.60
C LEU B 119 -20.24 21.64 14.84
N VAL B 120 -19.75 22.24 13.76
CA VAL B 120 -18.71 23.25 13.79
C VAL B 120 -19.01 24.31 12.73
N ASP B 121 -18.34 25.45 12.82
CA ASP B 121 -18.52 26.54 11.86
C ASP B 121 -17.61 26.23 10.67
N PRO B 122 -18.19 26.14 9.46
CA PRO B 122 -17.42 25.82 8.25
C PRO B 122 -16.46 26.94 7.87
N LYS B 123 -16.70 28.13 8.39
CA LYS B 123 -15.83 29.26 8.10
C LYS B 123 -14.70 29.40 9.13
N ASP B 124 -14.75 28.61 10.20
CA ASP B 124 -13.63 28.46 11.13
C ASP B 124 -12.30 28.58 10.38
N GLN B 125 -11.37 29.35 10.93
CA GLN B 125 -10.05 29.52 10.33
C GLN B 125 -9.27 28.21 10.20
N ALA B 126 -9.66 27.19 10.96
CA ALA B 126 -8.94 25.91 10.99
C ALA B 126 -8.93 25.18 9.65
N PHE B 127 -9.85 25.53 8.76
CA PHE B 127 -9.90 24.87 7.46
C PHE B 127 -8.90 25.44 6.45
N THR B 128 -8.26 26.55 6.81
CA THR B 128 -7.19 27.12 6.01
C THR B 128 -5.87 26.87 6.71
N ASN B 129 -5.94 26.39 7.95
CA ASN B 129 -4.77 26.22 8.80
C ASN B 129 -4.82 24.96 9.69
N PRO B 130 -4.67 23.78 9.07
CA PRO B 130 -4.53 22.50 9.77
C PRO B 130 -3.48 22.58 10.89
N THR B 131 -3.80 22.04 12.06
CA THR B 131 -2.96 22.17 13.26
C THR B 131 -2.96 20.86 14.04
N LYS B 132 -3.92 19.99 13.77
CA LYS B 132 -4.14 18.82 14.61
C LYS B 132 -3.45 17.56 14.05
N PRO B 133 -2.38 17.13 14.74
CA PRO B 133 -1.53 15.99 14.37
C PRO B 133 -2.25 14.67 14.52
N VAL B 134 -1.98 13.75 13.61
CA VAL B 134 -2.79 12.55 13.52
C VAL B 134 -1.94 11.37 13.02
N GLY B 135 -2.39 10.14 13.26
CA GLY B 135 -1.69 8.95 12.82
C GLY B 135 -0.27 8.81 13.30
N ARG B 136 0.54 8.13 12.50
CA ARG B 136 1.93 7.80 12.81
C ARG B 136 2.89 9.00 12.94
N PHE B 137 4.01 8.78 13.63
CA PHE B 137 5.15 9.70 13.63
C PHE B 137 6.12 9.39 12.48
N TYR B 138 6.58 10.44 11.80
CA TYR B 138 7.54 10.32 10.71
C TYR B 138 8.83 11.05 11.06
N THR B 139 9.92 10.64 10.44
CA THR B 139 11.21 11.27 10.68
C THR B 139 11.23 12.64 10.03
N GLU B 140 12.01 13.56 10.60
CA GLU B 140 12.11 14.89 10.00
C GLU B 140 12.34 14.75 8.50
N GLN B 141 13.31 13.90 8.10
CA GLN B 141 13.63 13.70 6.68
C GLN B 141 12.54 12.89 5.98
N GLU B 142 12.02 11.89 6.69
CA GLU B 142 10.88 11.10 6.19
C GLU B 142 9.67 11.99 5.83
N ALA B 143 9.43 12.99 6.66
CA ALA B 143 8.33 13.93 6.49
C ALA B 143 8.62 14.91 5.37
N LYS B 144 9.84 15.45 5.38
CA LYS B 144 10.25 16.44 4.39
C LYS B 144 10.02 15.95 2.95
N ASP B 145 10.20 14.66 2.74
CA ASP B 145 10.07 14.08 1.41
C ASP B 145 8.65 13.58 1.11
N LEU B 146 7.96 13.13 2.15
CA LEU B 146 6.56 12.71 2.03
C LEU B 146 5.72 13.85 1.48
N MET B 147 6.06 15.07 1.91
CA MET B 147 5.40 16.28 1.48
C MET B 147 5.75 16.67 0.05
N ALA B 148 7.05 16.62 -0.27
CA ALA B 148 7.52 16.88 -1.64
C ALA B 148 6.73 16.04 -2.65
N ALA B 149 6.41 14.80 -2.27
CA ALA B 149 5.56 13.93 -3.08
C ALA B 149 4.14 14.48 -3.20
N ASN B 150 3.45 14.60 -2.07
CA ASN B 150 2.08 15.11 -2.07
C ASN B 150 2.00 16.50 -1.44
N PRO B 151 2.18 17.54 -2.26
CA PRO B 151 2.17 18.94 -1.82
C PRO B 151 0.88 19.35 -1.10
N GLY B 152 -0.21 18.62 -1.35
CA GLY B 152 -1.41 18.82 -0.56
C GLY B 152 -1.13 18.57 0.91
N LYS B 153 -0.48 17.45 1.20
CA LYS B 153 -0.15 17.04 2.56
C LYS B 153 0.68 18.05 3.38
N ILE B 154 0.18 18.42 4.55
CA ILE B 154 0.95 19.22 5.49
C ILE B 154 1.41 18.39 6.70
N LEU B 155 2.69 18.43 7.01
CA LEU B 155 3.17 17.80 8.24
C LEU B 155 3.90 18.82 9.09
N ARG B 156 4.01 18.53 10.38
CA ARG B 156 4.59 19.45 11.36
C ARG B 156 5.24 18.65 12.47
N GLU B 157 6.20 19.27 13.17
CA GLU B 157 6.98 18.65 14.25
C GLU B 157 6.23 18.59 15.57
N ASP B 158 6.04 17.39 16.08
CA ASP B 158 5.08 17.14 17.16
C ASP B 158 5.74 16.86 18.52
N ALA B 159 5.84 17.90 19.35
CA ALA B 159 6.46 17.79 20.68
C ALA B 159 7.90 17.23 20.64
N GLY B 160 8.52 17.24 19.47
CA GLY B 160 9.88 16.72 19.31
C GLY B 160 9.96 15.26 18.92
N ARG B 161 8.92 14.51 19.25
CA ARG B 161 8.86 13.06 18.99
C ARG B 161 9.00 12.71 17.49
N GLY B 162 8.80 13.69 16.62
CA GLY B 162 8.91 13.50 15.18
C GLY B 162 7.92 14.38 14.42
N TRP B 163 7.63 14.00 13.18
CA TRP B 163 6.70 14.76 12.35
C TRP B 163 5.38 14.03 12.10
N ARG B 164 4.32 14.76 11.78
CA ARG B 164 3.00 14.16 11.72
C ARG B 164 2.09 14.86 10.73
N VAL B 165 1.29 14.08 10.00
CA VAL B 165 0.22 14.65 9.19
C VAL B 165 -0.72 15.53 10.04
N VAL B 166 -1.13 16.67 9.50
CA VAL B 166 -1.91 17.61 10.28
C VAL B 166 -3.20 18.08 9.58
N VAL B 167 -4.29 18.16 10.34
CA VAL B 167 -5.63 18.38 9.77
C VAL B 167 -6.42 19.53 10.42
N PRO B 168 -7.47 20.00 9.75
CA PRO B 168 -8.26 21.08 10.37
C PRO B 168 -8.88 20.71 11.73
N SER B 169 -8.83 21.63 12.68
CA SER B 169 -9.35 21.37 14.01
C SER B 169 -10.20 22.54 14.48
N PRO B 170 -11.45 22.60 14.00
CA PRO B 170 -12.38 23.70 14.27
C PRO B 170 -12.94 23.61 15.68
N ARG B 171 -13.46 24.74 16.17
CA ARG B 171 -14.15 24.80 17.46
C ARG B 171 -15.47 24.04 17.41
N PRO B 172 -15.67 23.09 18.34
CA PRO B 172 -16.98 22.40 18.45
C PRO B 172 -18.09 23.35 18.90
N LEU B 173 -19.25 23.33 18.24
CA LEU B 173 -20.38 24.18 18.61
C LEU B 173 -21.58 23.45 19.25
N GLU B 174 -21.81 22.21 18.83
CA GLU B 174 -22.96 21.46 19.33
C GLU B 174 -22.78 19.96 19.13
N ILE B 175 -23.00 19.20 20.19
CA ILE B 175 -23.06 17.74 20.10
C ILE B 175 -24.46 17.33 19.64
N VAL B 176 -24.59 16.95 18.39
CA VAL B 176 -25.89 16.64 17.79
C VAL B 176 -26.71 15.66 18.63
N GLU B 177 -26.05 14.63 19.13
CA GLU B 177 -26.74 13.59 19.86
C GLU B 177 -26.84 13.91 21.36
N TYR B 178 -26.63 15.17 21.71
CA TYR B 178 -26.75 15.60 23.11
C TYR B 178 -27.99 15.05 23.85
N GLY B 179 -29.17 15.21 23.26
CA GLY B 179 -30.40 14.77 23.89
C GLY B 179 -30.47 13.27 24.24
N VAL B 180 -29.89 12.43 23.39
CA VAL B 180 -29.95 10.99 23.65
C VAL B 180 -28.96 10.65 24.75
N ILE B 181 -27.81 11.31 24.74
CA ILE B 181 -26.80 11.02 25.75
C ILE B 181 -27.39 11.32 27.12
N LYS B 182 -28.04 12.47 27.23
CA LYS B 182 -28.66 12.92 28.47
C LYS B 182 -29.65 11.87 28.96
N THR B 183 -30.42 11.34 28.02
CA THR B 183 -31.41 10.33 28.32
C THR B 183 -30.72 9.12 28.91
N LEU B 184 -29.66 8.67 28.25
CA LEU B 184 -28.91 7.49 28.69
C LEU B 184 -28.30 7.63 30.09
N ILE B 185 -27.74 8.78 30.45
CA ILE B 185 -27.23 8.89 31.82
C ILE B 185 -28.36 9.06 32.87
N ASP B 186 -29.43 9.76 32.49
CA ASP B 186 -30.57 9.83 33.38
C ASP B 186 -30.97 8.43 33.79
N ASN B 187 -30.80 7.47 32.87
CA ASN B 187 -31.11 6.07 33.14
C ASN B 187 -29.92 5.25 33.64
N ASN B 188 -28.81 5.90 33.95
CA ASN B 188 -27.69 5.18 34.52
C ASN B 188 -26.96 4.25 33.58
N VAL B 189 -26.99 4.55 32.30
CA VAL B 189 -26.13 3.85 31.37
C VAL B 189 -24.75 4.50 31.38
N LEU B 190 -23.72 3.67 31.45
CA LEU B 190 -22.37 4.15 31.27
C LEU B 190 -22.24 4.44 29.77
N VAL B 191 -22.27 5.71 29.38
CA VAL B 191 -22.23 6.11 27.99
C VAL B 191 -20.81 6.37 27.47
N ILE B 192 -20.47 5.71 26.36
CA ILE B 192 -19.25 6.05 25.63
C ILE B 192 -19.63 6.77 24.34
N CYS B 193 -19.00 7.90 24.09
CA CYS B 193 -19.37 8.77 22.97
C CYS B 193 -18.36 9.88 22.76
N THR B 194 -18.56 10.62 21.68
CA THR B 194 -17.72 11.75 21.33
C THR B 194 -16.28 11.30 21.23
N ASN B 195 -16.10 10.04 20.81
CA ASN B 195 -14.77 9.50 20.54
C ASN B 195 -14.07 10.26 19.43
N GLY B 196 -12.88 10.78 19.76
CA GLY B 196 -12.15 11.66 18.89
C GLY B 196 -12.74 13.05 18.69
N GLY B 197 -13.82 13.35 19.42
CA GLY B 197 -14.37 14.69 19.44
C GLY B 197 -15.65 14.80 18.64
N GLY B 198 -16.01 13.67 18.01
CA GLY B 198 -17.18 13.61 17.14
C GLY B 198 -16.88 13.85 15.68
N ILE B 199 -17.65 13.22 14.80
CA ILE B 199 -17.51 13.43 13.35
C ILE B 199 -17.84 14.88 13.04
N PRO B 200 -16.83 15.67 12.68
CA PRO B 200 -17.12 17.08 12.39
C PRO B 200 -18.18 17.22 11.30
N CYS B 201 -19.13 18.14 11.48
CA CYS B 201 -20.14 18.40 10.46
C CYS B 201 -20.52 19.85 10.51
N LYS B 202 -21.28 20.29 9.51
CA LYS B 202 -21.85 21.62 9.51
C LYS B 202 -23.36 21.51 9.28
N ARG B 203 -24.10 22.50 9.76
CA ARG B 203 -25.53 22.58 9.50
C ARG B 203 -25.83 23.86 8.74
N GLU B 204 -26.50 23.72 7.62
CA GLU B 204 -26.63 24.78 6.63
C GLU B 204 -28.04 24.70 6.07
N ASN B 205 -28.94 25.46 6.70
CA ASN B 205 -30.37 25.40 6.37
C ASN B 205 -30.95 24.01 6.61
N LYS B 206 -30.94 23.57 7.86
CA LYS B 206 -31.62 22.33 8.24
C LYS B 206 -31.05 21.02 7.68
N VAL B 207 -29.85 21.07 7.11
CA VAL B 207 -29.15 19.82 6.74
C VAL B 207 -27.70 19.72 7.23
N ILE B 208 -27.41 18.63 7.92
CA ILE B 208 -26.10 18.32 8.46
C ILE B 208 -25.28 17.54 7.43
N SER B 209 -24.03 17.93 7.23
CA SER B 209 -23.14 17.19 6.33
C SER B 209 -21.72 17.22 6.87
N GLY B 210 -20.96 16.17 6.57
CA GLY B 210 -19.64 16.03 7.15
C GLY B 210 -18.59 16.90 6.49
N VAL B 211 -17.80 17.57 7.30
CA VAL B 211 -16.67 18.35 6.85
C VAL B 211 -15.40 17.62 7.27
N ASP B 212 -14.30 17.82 6.55
CA ASP B 212 -13.09 17.06 6.83
C ASP B 212 -12.24 17.68 7.93
N ALA B 213 -12.13 17.00 9.07
CA ALA B 213 -11.46 17.61 10.21
C ALA B 213 -11.35 16.64 11.36
N VAL B 214 -10.52 16.99 12.31
CA VAL B 214 -10.51 16.29 13.58
C VAL B 214 -10.63 17.34 14.68
N ILE B 215 -11.77 17.32 15.37
CA ILE B 215 -12.01 18.24 16.49
C ILE B 215 -11.15 17.86 17.68
N ASP B 216 -10.82 18.87 18.51
CA ASP B 216 -10.11 18.61 19.75
C ASP B 216 -11.00 17.83 20.76
N LYS B 217 -10.50 16.69 21.19
CA LYS B 217 -11.22 15.82 22.12
C LYS B 217 -11.54 16.52 23.45
N ASP B 218 -10.70 17.46 23.86
CA ASP B 218 -10.91 18.21 25.10
C ASP B 218 -11.91 19.35 24.99
N LEU B 219 -11.76 20.19 23.97
CA LEU B 219 -12.76 21.22 23.71
C LEU B 219 -14.17 20.62 23.53
N ALA B 220 -14.25 19.49 22.83
CA ALA B 220 -15.56 18.91 22.56
C ALA B 220 -16.12 18.25 23.80
N THR B 221 -15.27 17.76 24.68
CA THR B 221 -15.79 17.04 25.82
C THR B 221 -16.27 18.06 26.86
N SER B 222 -15.55 19.17 26.94
CA SER B 222 -15.96 20.33 27.73
C SER B 222 -17.36 20.78 27.30
N LEU B 223 -17.56 20.90 25.98
CA LEU B 223 -18.85 21.29 25.45
C LEU B 223 -19.97 20.35 25.95
N LEU B 224 -19.78 19.06 25.73
CA LEU B 224 -20.73 18.04 26.14
C LEU B 224 -21.01 18.08 27.64
N ALA B 225 -19.94 18.16 28.41
CA ALA B 225 -20.04 18.18 29.86
C ALA B 225 -20.87 19.37 30.34
N LYS B 226 -20.66 20.54 29.75
CA LYS B 226 -21.39 21.72 30.21
C LYS B 226 -22.83 21.77 29.71
N THR B 227 -23.11 21.11 28.60
CA THR B 227 -24.45 20.97 28.06
C THR B 227 -25.28 20.03 28.94
N LEU B 228 -24.61 19.05 29.52
CA LEU B 228 -25.23 18.01 30.31
C LEU B 228 -25.37 18.51 31.74
N ASN B 229 -24.85 19.71 31.98
CA ASN B 229 -24.77 20.26 33.31
C ASN B 229 -24.21 19.23 34.30
N SER B 230 -23.02 18.76 33.96
CA SER B 230 -22.36 17.66 34.65
C SER B 230 -21.77 18.16 35.95
N ASP B 231 -21.53 17.24 36.89
CA ASP B 231 -20.99 17.63 38.21
C ASP B 231 -19.48 17.79 38.18
N TYR B 232 -18.83 17.06 37.28
CA TYR B 232 -17.39 17.09 37.11
C TYR B 232 -17.01 17.00 35.65
N LEU B 233 -15.85 17.55 35.32
CA LEU B 233 -15.21 17.27 34.05
C LEU B 233 -13.85 16.70 34.36
N MET B 234 -13.57 15.48 33.90
CA MET B 234 -12.24 14.88 34.07
C MET B 234 -11.51 14.71 32.74
N ILE B 235 -10.28 15.20 32.70
CA ILE B 235 -9.42 14.98 31.55
C ILE B 235 -8.27 14.06 31.94
N LEU B 236 -8.14 12.94 31.26
CA LEU B 236 -7.20 11.93 31.68
C LEU B 236 -5.96 11.86 30.77
N THR B 237 -4.82 12.15 31.38
CA THR B 237 -3.55 12.17 30.67
C THR B 237 -2.59 11.05 31.12
N ASP B 238 -1.33 11.14 30.73
CA ASP B 238 -0.28 10.28 31.25
C ASP B 238 0.68 11.13 32.08
N VAL B 239 0.17 12.29 32.50
CA VAL B 239 0.90 13.21 33.36
C VAL B 239 0.18 13.23 34.71
N LEU B 240 0.92 13.44 35.79
CA LEU B 240 0.31 13.39 37.12
C LEU B 240 -0.38 14.71 37.47
N ASN B 241 0.16 15.80 36.90
CA ASN B 241 -0.33 17.15 37.14
C ASN B 241 -0.08 18.04 35.91
N ALA B 242 -0.96 19.01 35.70
CA ALA B 242 -0.66 20.07 34.74
C ALA B 242 0.36 20.99 35.40
N CYS B 243 1.50 21.17 34.76
CA CYS B 243 2.60 21.95 35.32
C CYS B 243 2.64 23.30 34.64
N ILE B 244 3.66 24.11 34.97
CA ILE B 244 3.79 25.44 34.38
C ILE B 244 5.26 25.75 34.04
N ARG B 252 6.42 24.33 37.71
CA ARG B 252 5.66 24.05 38.92
C ARG B 252 4.33 23.35 38.58
N LYS B 253 3.82 22.57 39.53
CA LYS B 253 2.57 21.83 39.34
C LYS B 253 1.39 22.52 40.03
N LEU B 254 0.19 22.30 39.49
CA LEU B 254 -1.03 22.83 40.09
C LEU B 254 -1.81 21.75 40.84
N GLU B 255 -2.09 21.99 42.12
CA GLU B 255 -3.04 21.14 42.84
C GLU B 255 -4.38 21.89 42.87
N GLU B 256 -5.12 21.86 43.97
CA GLU B 256 -6.37 22.61 43.97
C GLU B 256 -6.05 24.07 43.63
N ILE B 257 -6.73 24.59 42.61
CA ILE B 257 -6.44 25.91 42.06
C ILE B 257 -7.73 26.60 41.64
N LYS B 258 -7.81 27.91 41.85
CA LYS B 258 -9.03 28.65 41.54
C LYS B 258 -9.11 29.16 40.10
N LEU B 259 -10.33 29.34 39.61
CA LEU B 259 -10.54 29.84 38.26
C LEU B 259 -9.75 31.12 37.98
N SER B 260 -9.83 32.09 38.89
CA SER B 260 -9.05 33.32 38.79
C SER B 260 -7.58 33.07 38.46
N GLU B 261 -6.94 32.21 39.26
CA GLU B 261 -5.51 31.99 39.13
C GLU B 261 -5.15 31.28 37.83
N ILE B 262 -5.77 30.11 37.60
CA ILE B 262 -5.45 29.31 36.42
C ILE B 262 -5.68 30.17 35.17
N LEU B 263 -6.57 31.16 35.29
CA LEU B 263 -6.85 32.08 34.19
C LEU B 263 -5.67 33.03 33.93
N ALA B 264 -5.18 33.69 34.97
CA ALA B 264 -4.02 34.55 34.82
C ALA B 264 -2.82 33.73 34.33
N LEU B 265 -2.60 32.58 34.94
CA LEU B 265 -1.54 31.69 34.48
C LEU B 265 -1.67 31.30 33.00
N GLU B 266 -2.88 31.32 32.46
CA GLU B 266 -3.09 30.92 31.08
C GLU B 266 -2.74 32.05 30.11
N LYS B 267 -3.33 33.23 30.34
CA LYS B 267 -3.12 34.36 29.45
C LYS B 267 -1.67 34.89 29.45
N ASP B 268 -0.88 34.45 30.44
CA ASP B 268 0.55 34.77 30.48
C ASP B 268 1.36 33.67 29.82
N GLY B 269 0.72 32.90 28.95
CA GLY B 269 1.40 31.86 28.20
C GLY B 269 2.12 30.82 29.04
N HIS B 270 1.70 30.63 30.28
CA HIS B 270 2.36 29.67 31.14
C HIS B 270 2.09 28.23 30.72
N PHE B 271 1.18 28.05 29.76
CA PHE B 271 0.86 26.73 29.23
C PHE B 271 1.09 26.64 27.73
N ALA B 272 1.75 27.66 27.18
CA ALA B 272 1.87 27.83 25.73
C ALA B 272 2.70 26.75 25.01
N ALA B 273 3.56 26.05 25.76
CA ALA B 273 4.38 24.98 25.20
C ALA B 273 3.61 23.66 24.98
N GLY B 274 3.71 22.76 25.95
CA GLY B 274 3.17 21.40 25.84
C GLY B 274 1.78 21.25 25.23
N SER B 275 1.22 20.06 25.39
CA SER B 275 -0.11 19.76 24.88
C SER B 275 -1.21 20.18 25.88
N MET B 276 -0.80 20.88 26.94
CA MET B 276 -1.73 21.21 28.02
C MET B 276 -2.59 22.43 27.72
N GLY B 277 -2.24 23.16 26.67
CA GLY B 277 -2.96 24.38 26.33
C GLY B 277 -4.45 24.19 26.13
N PRO B 278 -4.83 23.29 25.21
CA PRO B 278 -6.26 23.02 24.98
C PRO B 278 -6.95 22.38 26.18
N LYS B 279 -6.24 21.55 26.93
CA LYS B 279 -6.83 20.88 28.09
C LYS B 279 -7.19 21.87 29.18
N VAL B 280 -6.27 22.78 29.46
CA VAL B 280 -6.46 23.82 30.45
C VAL B 280 -7.60 24.72 30.02
N ARG B 281 -7.64 25.01 28.72
CA ARG B 281 -8.69 25.83 28.13
C ARG B 281 -10.07 25.18 28.28
N ALA B 282 -10.12 23.85 28.24
CA ALA B 282 -11.40 23.15 28.35
C ALA B 282 -11.86 23.01 29.80
N ALA B 283 -10.91 22.85 30.71
CA ALA B 283 -11.19 22.86 32.14
C ALA B 283 -11.78 24.22 32.52
N ILE B 284 -11.12 25.28 32.09
CA ILE B 284 -11.56 26.64 32.36
C ILE B 284 -12.96 26.93 31.84
N GLU B 285 -13.19 26.57 30.58
CA GLU B 285 -14.51 26.80 29.99
C GLU B 285 -15.60 26.08 30.76
N PHE B 286 -15.33 24.85 31.18
CA PHE B 286 -16.34 24.10 31.92
C PHE B 286 -16.63 24.73 33.29
N THR B 287 -15.58 25.06 34.03
CA THR B 287 -15.75 25.65 35.34
C THR B 287 -16.36 27.06 35.28
N GLN B 288 -16.14 27.76 34.18
CA GLN B 288 -16.75 29.08 34.01
C GLN B 288 -18.23 28.96 33.72
N ALA B 289 -18.59 27.92 32.99
CA ALA B 289 -19.95 27.77 32.50
C ALA B 289 -20.87 27.13 33.53
N THR B 290 -20.30 26.35 34.45
CA THR B 290 -21.12 25.61 35.40
C THR B 290 -20.80 25.96 36.85
N GLY B 291 -19.57 26.40 37.08
CA GLY B 291 -19.11 26.66 38.42
C GLY B 291 -18.68 25.40 39.14
N LYS B 292 -18.83 24.24 38.49
CA LYS B 292 -18.33 23.00 39.07
C LYS B 292 -16.87 22.69 38.66
N MET B 293 -16.28 21.70 39.33
CA MET B 293 -14.85 21.46 39.22
C MET B 293 -14.41 20.70 37.97
N SER B 294 -13.24 21.07 37.46
CA SER B 294 -12.61 20.36 36.37
C SER B 294 -11.34 19.71 36.88
N ILE B 295 -11.06 18.51 36.41
CA ILE B 295 -9.87 17.83 36.87
C ILE B 295 -8.94 17.47 35.70
N ILE B 296 -7.65 17.74 35.86
CA ILE B 296 -6.64 17.22 34.94
C ILE B 296 -5.67 16.35 35.73
N THR B 297 -5.77 15.04 35.56
CA THR B 297 -4.87 14.08 36.19
C THR B 297 -4.55 12.97 35.22
N SER B 298 -3.76 12.00 35.68
CA SER B 298 -3.39 10.85 34.86
C SER B 298 -4.47 9.81 34.93
N LEU B 299 -4.54 8.99 33.90
CA LEU B 299 -5.48 7.89 33.83
C LEU B 299 -5.31 7.05 35.09
N SER B 300 -4.11 7.11 35.65
CA SER B 300 -3.74 6.23 36.76
C SER B 300 -4.11 6.76 38.13
N THR B 301 -4.54 8.02 38.19
CA THR B 301 -4.94 8.60 39.47
C THR B 301 -6.32 9.23 39.37
N ALA B 302 -7.19 8.64 38.57
CA ALA B 302 -8.53 9.21 38.34
C ALA B 302 -9.42 9.15 39.59
N VAL B 303 -9.61 7.99 40.21
CA VAL B 303 -10.44 7.95 41.41
C VAL B 303 -9.89 8.88 42.48
N ASP B 304 -8.58 8.81 42.68
CA ASP B 304 -7.91 9.63 43.68
C ASP B 304 -8.19 11.12 43.47
N ALA B 305 -8.19 11.60 42.23
CA ALA B 305 -8.50 13.01 41.96
C ALA B 305 -9.90 13.35 42.45
N LEU B 306 -10.89 12.57 42.01
CA LEU B 306 -12.24 12.75 42.52
C LEU B 306 -12.27 12.83 44.04
N ASN B 307 -11.46 11.99 44.68
CA ASN B 307 -11.42 11.92 46.15
C ASN B 307 -10.66 13.07 46.81
N GLY B 308 -10.09 13.96 46.00
CA GLY B 308 -9.35 15.09 46.54
C GLY B 308 -7.90 14.78 46.84
N LYS B 309 -7.51 13.52 46.69
CA LYS B 309 -6.15 13.09 47.01
C LYS B 309 -5.06 13.64 46.07
N CYS B 310 -5.38 13.95 44.81
CA CYS B 310 -4.36 14.52 43.91
C CYS B 310 -4.88 15.14 42.61
N GLY B 311 -3.96 15.36 41.68
CA GLY B 311 -4.28 15.95 40.41
C GLY B 311 -4.47 17.45 40.48
N THR B 312 -4.69 18.07 39.33
CA THR B 312 -5.02 19.48 39.27
C THR B 312 -6.55 19.64 39.27
N ARG B 313 -7.07 20.27 40.32
CA ARG B 313 -8.50 20.44 40.47
C ARG B 313 -8.79 21.93 40.36
N ILE B 314 -9.63 22.29 39.39
CA ILE B 314 -9.88 23.69 39.10
C ILE B 314 -11.26 24.02 39.59
N ILE B 315 -11.35 25.11 40.34
CA ILE B 315 -12.53 25.36 41.17
C ILE B 315 -12.97 26.81 41.04
N LYS B 316 -14.22 27.08 41.35
CA LYS B 316 -14.77 28.43 41.20
C LYS B 316 -14.21 29.38 42.25
N ASP B 317 -14.32 30.68 41.98
CA ASP B 317 -13.86 31.73 42.89
C ASP B 317 -14.89 32.01 43.98
N SER C 3 44.99 -3.33 -23.56
CA SER C 3 45.00 -4.68 -24.13
C SER C 3 46.26 -5.35 -23.66
N ALA C 4 47.14 -4.53 -23.10
CA ALA C 4 48.36 -5.03 -22.51
C ALA C 4 48.18 -5.25 -20.99
N GLY C 5 47.27 -4.49 -20.38
CA GLY C 5 47.07 -4.57 -18.93
C GLY C 5 46.65 -5.92 -18.40
N LYS C 6 47.14 -6.25 -17.20
CA LYS C 6 46.61 -7.40 -16.45
C LYS C 6 45.19 -7.08 -15.96
N THR C 7 44.44 -8.09 -15.56
CA THR C 7 43.05 -7.83 -15.17
C THR C 7 42.83 -7.88 -13.66
N VAL C 8 42.16 -6.87 -13.12
CA VAL C 8 41.75 -6.98 -11.73
C VAL C 8 40.23 -6.98 -11.54
N VAL C 9 39.74 -7.98 -10.83
CA VAL C 9 38.34 -8.01 -10.48
C VAL C 9 38.12 -7.42 -9.08
N ILE C 10 37.41 -6.31 -9.05
CA ILE C 10 37.24 -5.51 -7.84
C ILE C 10 35.80 -5.61 -7.36
N ALA C 11 35.63 -5.93 -6.08
CA ALA C 11 34.29 -5.99 -5.50
C ALA C 11 34.07 -4.84 -4.53
N LEU C 12 33.33 -3.82 -4.98
CA LEU C 12 32.94 -2.72 -4.11
C LEU C 12 32.05 -3.20 -2.98
N GLY C 13 32.01 -2.44 -1.90
CA GLY C 13 31.23 -2.80 -0.73
C GLY C 13 30.25 -1.70 -0.32
N GLY C 14 29.61 -1.89 0.82
CA GLY C 14 28.56 -0.99 1.25
C GLY C 14 28.95 0.47 1.06
N ASN C 15 30.15 0.81 1.51
CA ASN C 15 30.62 2.19 1.52
C ASN C 15 30.72 2.87 0.15
N ALA C 16 30.61 2.08 -0.92
CA ALA C 16 30.57 2.64 -2.26
C ALA C 16 29.29 3.46 -2.47
N MET C 17 28.29 3.26 -1.60
CA MET C 17 27.02 3.97 -1.72
C MET C 17 26.45 4.54 -0.43
N LEU C 18 26.88 4.01 0.71
CA LEU C 18 26.32 4.42 2.00
C LEU C 18 27.34 4.41 3.11
N GLN C 19 27.64 5.57 3.67
CA GLN C 19 28.46 5.59 4.88
C GLN C 19 27.57 5.27 6.09
N ALA C 20 28.17 4.90 7.21
CA ALA C 20 27.38 4.69 8.43
C ALA C 20 26.46 5.87 8.74
N LYS C 21 25.25 5.54 9.16
CA LYS C 21 24.23 6.54 9.52
C LYS C 21 23.58 7.25 8.35
N GLU C 22 24.02 6.98 7.12
CA GLU C 22 23.47 7.68 5.96
C GLU C 22 22.20 6.97 5.53
N LYS C 23 21.26 7.75 4.99
CA LYS C 23 20.01 7.19 4.53
C LYS C 23 19.97 7.08 3.01
N GLY C 24 19.07 6.22 2.53
CA GLY C 24 19.03 5.84 1.13
C GLY C 24 18.42 6.80 0.13
N ASP C 25 18.59 8.11 0.30
CA ASP C 25 18.15 8.99 -0.78
C ASP C 25 19.17 8.96 -1.92
N TYR C 26 18.73 9.34 -3.12
CA TYR C 26 19.54 9.30 -4.34
C TYR C 26 20.86 10.09 -4.27
N ASP C 27 20.78 11.41 -4.19
CA ASP C 27 21.96 12.26 -4.10
C ASP C 27 22.97 11.71 -3.12
N THR C 28 22.50 11.22 -1.98
CA THR C 28 23.46 10.79 -0.98
C THR C 28 24.15 9.54 -1.44
N GLN C 29 23.39 8.68 -2.11
CA GLN C 29 24.01 7.50 -2.72
C GLN C 29 24.93 7.89 -3.88
N ARG C 30 24.60 8.99 -4.57
CA ARG C 30 25.38 9.44 -5.72
C ARG C 30 26.74 10.02 -5.34
N LYS C 31 26.78 10.82 -4.27
CA LYS C 31 28.01 11.46 -3.84
C LYS C 31 29.03 10.39 -3.47
N ASN C 32 28.54 9.25 -3.03
CA ASN C 32 29.42 8.18 -2.56
C ASN C 32 29.97 7.33 -3.67
N VAL C 33 29.14 7.11 -4.68
CA VAL C 33 29.57 6.41 -5.88
C VAL C 33 30.66 7.22 -6.59
N GLU C 34 30.52 8.54 -6.61
CA GLU C 34 31.47 9.41 -7.32
C GLU C 34 32.85 9.35 -6.70
N ILE C 35 32.88 9.22 -5.38
CA ILE C 35 34.12 9.10 -4.60
C ILE C 35 34.72 7.72 -4.84
N ALA C 36 33.84 6.75 -5.02
CA ALA C 36 34.25 5.39 -5.28
C ALA C 36 34.88 5.29 -6.67
N ALA C 37 34.30 5.99 -7.63
CA ALA C 37 34.76 5.97 -9.02
C ALA C 37 36.15 6.58 -9.18
N SER C 38 36.44 7.63 -8.43
CA SER C 38 37.75 8.23 -8.55
C SER C 38 38.87 7.29 -8.07
N GLU C 39 38.55 6.37 -7.15
CA GLU C 39 39.53 5.38 -6.70
C GLU C 39 39.76 4.33 -7.75
N ILE C 40 38.68 3.96 -8.45
CA ILE C 40 38.75 2.92 -9.46
C ILE C 40 39.36 3.47 -10.73
N TYR C 41 39.23 4.78 -10.96
CA TYR C 41 39.78 5.36 -12.16
C TYR C 41 41.32 5.32 -12.16
N LYS C 42 41.91 5.41 -10.97
CA LYS C 42 43.35 5.32 -10.80
C LYS C 42 43.87 3.95 -11.23
N ILE C 43 43.19 2.90 -10.80
CA ILE C 43 43.48 1.54 -11.26
C ILE C 43 43.31 1.42 -12.78
N HIS C 44 42.31 2.08 -13.34
CA HIS C 44 42.13 2.08 -14.79
C HIS C 44 43.29 2.81 -15.46
N LYS C 45 43.60 3.99 -14.95
CA LYS C 45 44.66 4.84 -15.50
C LYS C 45 46.02 4.16 -15.40
N ALA C 46 46.20 3.32 -14.39
CA ALA C 46 47.47 2.64 -14.20
C ALA C 46 47.65 1.57 -15.26
N GLY C 47 46.63 1.38 -16.09
CA GLY C 47 46.69 0.43 -17.20
C GLY C 47 45.98 -0.91 -17.02
N TYR C 48 45.33 -1.10 -15.88
CA TYR C 48 44.64 -2.37 -15.62
C TYR C 48 43.25 -2.52 -16.31
N LYS C 49 42.95 -3.75 -16.72
CA LYS C 49 41.61 -4.10 -17.17
C LYS C 49 40.77 -4.28 -15.95
N VAL C 50 39.65 -3.57 -15.87
CA VAL C 50 38.88 -3.59 -14.64
C VAL C 50 37.46 -4.15 -14.79
N VAL C 51 37.16 -5.15 -13.97
CA VAL C 51 35.79 -5.59 -13.78
C VAL C 51 35.31 -5.15 -12.40
N LEU C 52 34.20 -4.40 -12.39
CA LEU C 52 33.70 -3.80 -11.17
C LEU C 52 32.41 -4.45 -10.76
N THR C 53 32.36 -4.86 -9.51
CA THR C 53 31.13 -5.39 -8.94
C THR C 53 30.83 -4.68 -7.61
N SER C 54 29.80 -5.15 -6.91
CA SER C 54 29.46 -4.60 -5.61
C SER C 54 28.38 -5.40 -4.92
N GLY C 55 27.90 -4.85 -3.80
CA GLY C 55 26.82 -5.44 -3.06
C GLY C 55 25.48 -4.82 -3.42
N ASN C 56 24.44 -5.30 -2.73
CA ASN C 56 23.06 -5.04 -3.09
C ASN C 56 22.15 -4.69 -1.94
N GLY C 57 22.58 -5.07 -0.74
CA GLY C 57 21.71 -5.17 0.42
C GLY C 57 20.71 -4.07 0.63
N PRO C 58 21.19 -2.86 0.94
CA PRO C 58 20.30 -1.74 1.23
C PRO C 58 19.52 -1.28 0.03
N GLN C 59 20.03 -1.48 -1.17
CA GLN C 59 19.32 -1.01 -2.34
C GLN C 59 18.18 -1.95 -2.70
N VAL C 60 18.46 -3.26 -2.68
CA VAL C 60 17.43 -4.25 -2.97
C VAL C 60 16.44 -4.28 -1.83
N GLY C 61 16.95 -4.09 -0.61
CA GLY C 61 16.13 -3.92 0.56
C GLY C 61 15.11 -2.80 0.40
N ALA C 62 15.57 -1.60 0.02
CA ALA C 62 14.67 -0.45 -0.20
C ALA C 62 13.54 -0.76 -1.17
N ILE C 63 13.88 -1.38 -2.29
CA ILE C 63 12.91 -1.67 -3.35
C ILE C 63 11.88 -2.72 -2.93
N LYS C 64 12.32 -3.85 -2.38
CA LYS C 64 11.39 -4.83 -1.86
C LYS C 64 10.41 -4.16 -0.89
N LEU C 65 10.95 -3.32 0.01
CA LEU C 65 10.17 -2.53 0.96
C LEU C 65 9.20 -1.61 0.24
N GLN C 66 9.62 -1.05 -0.88
CA GLN C 66 8.78 -0.14 -1.66
C GLN C 66 7.68 -0.96 -2.33
N ASN C 67 7.99 -2.22 -2.63
CA ASN C 67 7.03 -3.11 -3.31
C ASN C 67 5.89 -3.60 -2.40
N GLN C 68 6.21 -3.93 -1.16
CA GLN C 68 5.19 -4.31 -0.16
C GLN C 68 4.35 -3.09 0.21
N ALA C 69 5.03 -1.97 0.50
CA ALA C 69 4.38 -0.70 0.84
C ALA C 69 3.31 -0.23 -0.15
N ALA C 70 3.57 -0.40 -1.43
CA ALA C 70 2.66 0.10 -2.45
C ALA C 70 1.80 -1.01 -3.04
N ALA C 71 1.78 -2.18 -2.41
CA ALA C 71 1.20 -3.39 -3.02
C ALA C 71 -0.27 -3.31 -3.46
N GLY C 72 -1.02 -2.37 -2.90
CA GLY C 72 -2.40 -2.22 -3.31
C GLY C 72 -2.66 -0.90 -4.01
N VAL C 73 -1.59 -0.33 -4.56
CA VAL C 73 -1.71 0.83 -5.42
C VAL C 73 -0.96 0.48 -6.74
N SER C 74 -0.31 -0.69 -6.74
CA SER C 74 0.55 -1.14 -7.84
C SER C 74 1.08 -2.58 -7.62
N PRO C 75 1.04 -3.43 -8.66
CA PRO C 75 1.34 -4.85 -8.41
C PRO C 75 2.72 -5.02 -7.84
N GLU C 76 2.86 -5.80 -6.76
CA GLU C 76 4.14 -5.96 -6.07
C GLU C 76 5.03 -7.01 -6.75
N MET C 77 6.30 -6.64 -6.94
CA MET C 77 7.26 -7.50 -7.63
C MET C 77 8.01 -8.38 -6.63
N PRO C 78 8.33 -9.62 -7.04
CA PRO C 78 9.08 -10.55 -6.19
C PRO C 78 10.47 -9.99 -5.85
N LEU C 79 11.26 -10.78 -5.11
CA LEU C 79 12.56 -10.30 -4.66
C LEU C 79 13.57 -10.27 -5.79
N HIS C 80 13.73 -11.39 -6.48
CA HIS C 80 14.65 -11.45 -7.62
C HIS C 80 14.39 -10.30 -8.61
N VAL C 81 13.15 -10.08 -9.00
CA VAL C 81 12.85 -8.90 -9.81
C VAL C 81 13.28 -7.58 -9.13
N CYS C 82 13.22 -7.53 -7.80
CA CYS C 82 13.71 -6.33 -7.10
C CYS C 82 15.25 -6.24 -7.15
N GLY C 83 15.92 -7.38 -7.19
CA GLY C 83 17.34 -7.42 -7.50
C GLY C 83 17.67 -6.82 -8.87
N ALA C 84 17.06 -7.35 -9.92
CA ALA C 84 17.25 -6.84 -11.27
C ALA C 84 17.16 -5.32 -11.28
N MET C 85 16.12 -4.78 -10.64
CA MET C 85 15.93 -3.34 -10.56
C MET C 85 17.10 -2.64 -9.87
N SER C 86 17.77 -3.34 -8.96
CA SER C 86 18.79 -2.72 -8.13
C SER C 86 20.10 -2.65 -8.91
N GLN C 87 20.29 -3.68 -9.74
CA GLN C 87 21.32 -3.69 -10.76
C GLN C 87 21.16 -2.53 -11.76
N GLY C 88 19.96 -2.30 -12.28
CA GLY C 88 19.72 -1.13 -13.11
C GLY C 88 20.14 0.17 -12.44
N PHE C 89 19.59 0.40 -11.25
CA PHE C 89 19.91 1.53 -10.40
C PHE C 89 21.40 1.67 -10.03
N ILE C 90 21.95 0.65 -9.38
CA ILE C 90 23.36 0.64 -9.03
C ILE C 90 24.28 0.82 -10.26
N GLY C 91 24.05 0.00 -11.28
CA GLY C 91 24.76 0.13 -12.53
C GLY C 91 24.60 1.50 -13.14
N TYR C 92 23.38 2.01 -13.17
CA TYR C 92 23.16 3.38 -13.61
C TYR C 92 24.14 4.32 -12.93
N MET C 93 24.15 4.30 -11.60
CA MET C 93 24.98 5.23 -10.83
C MET C 93 26.45 5.02 -11.14
N MET C 94 26.88 3.77 -11.07
CA MET C 94 28.29 3.44 -11.22
C MET C 94 28.82 3.74 -12.62
N SER C 95 28.02 3.48 -13.65
CA SER C 95 28.48 3.83 -14.99
C SER C 95 28.45 5.35 -15.25
N GLN C 96 27.38 6.04 -14.88
CA GLN C 96 27.39 7.52 -14.93
C GLN C 96 28.59 8.16 -14.17
N ALA C 97 28.87 7.69 -12.96
CA ALA C 97 30.06 8.18 -12.23
C ALA C 97 31.35 7.90 -13.01
N MET C 98 31.47 6.69 -13.55
CA MET C 98 32.71 6.28 -14.21
C MET C 98 32.96 7.03 -15.52
N ASP C 99 31.92 7.21 -16.32
CA ASP C 99 32.03 8.08 -17.48
C ASP C 99 32.52 9.48 -17.06
N ASN C 100 31.89 10.05 -16.04
CA ASN C 100 32.30 11.36 -15.55
C ASN C 100 33.80 11.49 -15.21
N VAL C 101 34.36 10.52 -14.48
CA VAL C 101 35.78 10.62 -14.15
C VAL C 101 36.56 10.61 -15.44
N PHE C 102 36.18 9.74 -16.36
CA PHE C 102 36.87 9.65 -17.64
C PHE C 102 36.95 11.02 -18.33
N CYS C 103 35.80 11.58 -18.66
CA CYS C 103 35.77 12.88 -19.35
C CYS C 103 36.51 13.98 -18.58
N ALA C 104 36.43 13.94 -17.26
CA ALA C 104 37.16 14.90 -16.43
C ALA C 104 38.66 14.77 -16.71
N ASN C 105 39.10 13.53 -16.93
CA ASN C 105 40.48 13.27 -17.30
C ASN C 105 40.63 13.23 -18.81
N ASN C 106 39.75 13.92 -19.53
CA ASN C 106 39.81 14.00 -20.99
C ASN C 106 40.09 12.65 -21.64
N GLU C 107 39.53 11.58 -21.07
CA GLU C 107 39.59 10.26 -21.66
C GLU C 107 38.18 9.92 -22.08
N PRO C 108 37.98 9.54 -23.33
CA PRO C 108 36.57 9.35 -23.69
C PRO C 108 35.95 8.14 -23.01
N ALA C 109 34.81 8.38 -22.34
CA ALA C 109 33.93 7.36 -21.76
C ALA C 109 33.96 6.01 -22.49
N ASN C 110 34.18 4.95 -21.74
CA ASN C 110 34.19 3.60 -22.29
C ASN C 110 33.83 2.58 -21.22
N CYS C 111 32.55 2.48 -20.89
CA CYS C 111 32.12 1.71 -19.74
C CYS C 111 30.68 1.27 -19.83
N VAL C 112 30.38 0.07 -19.33
CA VAL C 112 29.01 -0.36 -19.27
C VAL C 112 28.74 -1.20 -18.07
N THR C 113 27.46 -1.22 -17.71
CA THR C 113 26.95 -2.17 -16.77
C THR C 113 26.08 -3.21 -17.47
N CYS C 114 26.44 -4.47 -17.27
CA CYS C 114 25.64 -5.60 -17.72
C CYS C 114 24.71 -6.11 -16.62
N VAL C 115 23.42 -6.24 -16.93
CA VAL C 115 22.48 -6.93 -16.05
C VAL C 115 22.96 -8.38 -15.99
N THR C 116 23.05 -8.95 -14.81
CA THR C 116 23.79 -10.19 -14.60
C THR C 116 23.00 -11.25 -13.83
N GLN C 117 23.00 -12.48 -14.33
CA GLN C 117 22.28 -13.55 -13.66
C GLN C 117 23.29 -14.53 -13.11
N THR C 118 22.96 -15.16 -11.98
CA THR C 118 23.85 -16.15 -11.40
C THR C 118 23.10 -17.40 -11.08
N LEU C 119 23.39 -18.47 -11.81
CA LEU C 119 22.88 -19.77 -11.47
C LEU C 119 23.30 -20.18 -10.05
N VAL C 120 22.35 -20.80 -9.33
CA VAL C 120 22.64 -21.47 -8.08
C VAL C 120 22.10 -22.90 -8.15
N ASP C 121 22.63 -23.76 -7.30
CA ASP C 121 22.16 -25.13 -7.15
C ASP C 121 20.95 -25.17 -6.20
N PRO C 122 19.80 -25.70 -6.67
CA PRO C 122 18.61 -25.72 -5.78
C PRO C 122 18.71 -26.74 -4.65
N LYS C 123 19.77 -27.56 -4.66
CA LYS C 123 19.98 -28.57 -3.63
C LYS C 123 20.90 -27.98 -2.57
N ASP C 124 20.93 -26.66 -2.53
CA ASP C 124 21.85 -25.93 -1.65
C ASP C 124 21.30 -25.82 -0.24
N GLN C 125 22.11 -26.23 0.72
CA GLN C 125 21.78 -26.15 2.14
C GLN C 125 21.01 -24.87 2.52
N ALA C 126 21.32 -23.76 1.85
CA ALA C 126 20.69 -22.48 2.14
C ALA C 126 19.20 -22.45 1.81
N PHE C 127 18.72 -23.44 1.06
CA PHE C 127 17.30 -23.48 0.72
C PHE C 127 16.44 -24.19 1.80
N THR C 128 17.09 -24.65 2.86
CA THR C 128 16.39 -25.10 4.06
C THR C 128 16.96 -24.33 5.24
N ASN C 129 17.88 -23.43 4.96
CA ASN C 129 18.50 -22.61 5.99
C ASN C 129 18.49 -21.14 5.59
N PRO C 130 17.28 -20.52 5.57
CA PRO C 130 17.17 -19.10 5.24
C PRO C 130 17.97 -18.24 6.20
N THR C 131 18.57 -17.17 5.70
CA THR C 131 19.42 -16.31 6.51
C THR C 131 19.07 -14.83 6.35
N LYS C 132 19.04 -14.36 5.11
CA LYS C 132 18.94 -12.94 4.84
C LYS C 132 17.52 -12.37 5.08
N PRO C 133 17.38 -11.50 6.11
CA PRO C 133 16.08 -10.86 6.42
C PRO C 133 15.75 -9.75 5.42
N VAL C 134 14.54 -9.76 4.86
CA VAL C 134 14.18 -8.76 3.86
C VAL C 134 12.70 -8.35 3.93
N GLY C 135 12.41 -7.10 3.57
CA GLY C 135 11.04 -6.64 3.43
C GLY C 135 10.56 -5.87 4.63
N ARG C 136 9.25 -5.66 4.73
CA ARG C 136 8.70 -4.98 5.90
C ARG C 136 8.73 -5.88 7.14
N PHE C 137 8.53 -5.25 8.28
CA PHE C 137 8.47 -5.93 9.57
C PHE C 137 7.03 -6.33 9.88
N TYR C 138 6.86 -7.59 10.25
CA TYR C 138 5.57 -8.13 10.66
C TYR C 138 5.58 -8.30 12.17
N THR C 139 4.40 -8.34 12.78
CA THR C 139 4.24 -8.62 14.21
C THR C 139 4.37 -10.11 14.43
N GLU C 140 4.73 -10.48 15.66
CA GLU C 140 4.66 -11.87 16.15
C GLU C 140 3.45 -12.64 15.59
N GLN C 141 2.22 -12.14 15.79
CA GLN C 141 1.02 -12.83 15.27
C GLN C 141 0.96 -12.81 13.73
N GLU C 142 1.26 -11.66 13.13
CA GLU C 142 1.33 -11.56 11.68
C GLU C 142 2.29 -12.61 11.15
N ALA C 143 3.46 -12.69 11.79
CA ALA C 143 4.49 -13.62 11.36
C ALA C 143 4.06 -15.09 11.57
N LYS C 144 3.43 -15.34 12.72
CA LYS C 144 2.91 -16.66 13.07
C LYS C 144 1.88 -17.18 12.06
N ASP C 145 1.09 -16.26 11.51
CA ASP C 145 0.03 -16.60 10.54
C ASP C 145 0.59 -16.89 9.15
N LEU C 146 1.66 -16.18 8.80
CA LEU C 146 2.37 -16.38 7.55
C LEU C 146 2.96 -17.78 7.46
N MET C 147 3.68 -18.18 8.50
CA MET C 147 4.34 -19.46 8.50
C MET C 147 3.34 -20.63 8.44
N ALA C 148 2.11 -20.38 8.89
CA ALA C 148 1.03 -21.38 8.76
C ALA C 148 0.39 -21.37 7.37
N ALA C 149 0.16 -20.18 6.83
CA ALA C 149 -0.41 -20.07 5.49
C ALA C 149 0.56 -20.56 4.42
N ASN C 150 1.85 -20.28 4.60
CA ASN C 150 2.88 -20.68 3.63
C ASN C 150 3.90 -21.70 4.16
N PRO C 151 3.82 -22.95 3.66
CA PRO C 151 4.55 -24.13 4.12
C PRO C 151 6.01 -23.92 4.51
N GLY C 152 6.89 -23.62 3.55
CA GLY C 152 8.32 -23.61 3.82
C GLY C 152 8.90 -22.26 4.23
N LYS C 153 8.01 -21.28 4.42
CA LYS C 153 8.42 -19.93 4.75
C LYS C 153 8.79 -19.76 6.21
N ILE C 154 9.94 -19.16 6.45
CA ILE C 154 10.45 -18.88 7.79
C ILE C 154 10.72 -17.39 7.99
N LEU C 155 10.01 -16.79 8.94
CA LEU C 155 10.30 -15.46 9.45
C LEU C 155 11.03 -15.59 10.77
N ARG C 156 11.69 -14.49 11.18
CA ARG C 156 12.40 -14.45 12.45
C ARG C 156 12.69 -13.01 12.87
N GLU C 157 12.89 -12.81 14.17
CA GLU C 157 13.00 -11.48 14.74
C GLU C 157 14.41 -10.88 14.66
N ASP C 158 14.59 -9.91 13.75
CA ASP C 158 15.77 -9.06 13.77
C ASP C 158 15.67 -8.28 15.07
N ALA C 159 16.26 -8.85 16.12
CA ALA C 159 16.05 -8.45 17.52
C ALA C 159 15.51 -7.04 17.77
N GLY C 160 14.39 -6.97 18.50
CA GLY C 160 13.80 -5.70 18.91
C GLY C 160 12.92 -5.09 17.86
N ARG C 161 13.45 -5.02 16.63
CA ARG C 161 12.76 -4.41 15.49
C ARG C 161 11.41 -5.05 15.11
N GLY C 162 11.38 -6.38 15.03
CA GLY C 162 10.17 -7.10 14.64
C GLY C 162 10.47 -8.35 13.83
N TRP C 163 9.45 -8.90 13.18
CA TRP C 163 9.61 -10.16 12.42
C TRP C 163 9.78 -9.97 10.90
N ARG C 164 10.92 -10.42 10.36
CA ARG C 164 11.16 -10.33 8.93
C ARG C 164 11.25 -11.68 8.23
N VAL C 165 10.67 -11.76 7.04
CA VAL C 165 10.93 -12.90 6.16
C VAL C 165 12.44 -13.00 5.92
N VAL C 166 12.96 -14.23 5.96
CA VAL C 166 14.39 -14.44 5.80
C VAL C 166 14.63 -15.35 4.58
N VAL C 167 15.57 -14.96 3.72
CA VAL C 167 15.78 -15.68 2.44
C VAL C 167 17.09 -16.47 2.31
N PRO C 168 17.03 -17.58 1.57
CA PRO C 168 18.22 -18.39 1.34
C PRO C 168 19.34 -17.53 0.76
N SER C 169 20.57 -17.80 1.17
CA SER C 169 21.75 -17.17 0.58
C SER C 169 22.68 -18.26 0.04
N PRO C 170 22.34 -18.79 -1.13
CA PRO C 170 23.01 -19.92 -1.79
C PRO C 170 24.41 -19.56 -2.22
N ARG C 171 25.20 -20.59 -2.52
CA ARG C 171 26.50 -20.42 -3.16
C ARG C 171 26.32 -20.26 -4.67
N PRO C 172 27.05 -19.32 -5.28
CA PRO C 172 27.06 -19.02 -6.72
C PRO C 172 27.61 -20.17 -7.56
N LEU C 173 26.86 -20.63 -8.56
CA LEU C 173 27.33 -21.67 -9.47
C LEU C 173 27.99 -21.10 -10.74
N GLU C 174 27.30 -20.18 -11.41
CA GLU C 174 27.79 -19.65 -12.69
C GLU C 174 27.22 -18.28 -13.05
N ILE C 175 28.11 -17.36 -13.44
CA ILE C 175 27.66 -16.09 -13.97
C ILE C 175 27.22 -16.31 -15.42
N VAL C 176 25.91 -16.25 -15.67
CA VAL C 176 25.42 -16.55 -17.00
C VAL C 176 26.09 -15.70 -18.09
N GLU C 177 26.31 -14.41 -17.80
CA GLU C 177 26.83 -13.45 -18.76
C GLU C 177 28.37 -13.43 -18.84
N TYR C 178 28.99 -14.51 -18.38
CA TYR C 178 30.46 -14.63 -18.32
C TYR C 178 31.19 -14.44 -19.67
N GLY C 179 30.84 -15.27 -20.64
CA GLY C 179 31.38 -15.19 -21.98
C GLY C 179 31.25 -13.79 -22.52
N VAL C 180 30.07 -13.20 -22.39
CA VAL C 180 29.87 -11.83 -22.86
C VAL C 180 30.77 -10.85 -22.09
N ILE C 181 30.93 -11.09 -20.79
CA ILE C 181 31.79 -10.23 -19.97
C ILE C 181 33.24 -10.38 -20.43
N LYS C 182 33.71 -11.62 -20.56
CA LYS C 182 35.03 -11.88 -21.13
C LYS C 182 35.29 -11.07 -22.40
N THR C 183 34.41 -11.22 -23.37
CA THR C 183 34.43 -10.43 -24.59
C THR C 183 34.64 -8.94 -24.31
N LEU C 184 33.97 -8.40 -23.30
CA LEU C 184 34.08 -6.97 -23.01
C LEU C 184 35.44 -6.53 -22.43
N ILE C 185 36.05 -7.35 -21.58
CA ILE C 185 37.35 -6.96 -21.05
C ILE C 185 38.41 -7.15 -22.10
N ASP C 186 38.16 -8.06 -23.03
CA ASP C 186 39.11 -8.35 -24.09
C ASP C 186 39.23 -7.12 -25.00
N ASN C 187 38.14 -6.38 -25.12
CA ASN C 187 38.16 -5.15 -25.90
C ASN C 187 38.36 -3.91 -25.04
N ASN C 188 38.84 -4.14 -23.82
CA ASN C 188 39.26 -3.06 -22.95
C ASN C 188 38.11 -2.18 -22.47
N VAL C 189 36.91 -2.77 -22.38
CA VAL C 189 35.78 -2.06 -21.81
C VAL C 189 35.81 -2.17 -20.29
N LEU C 190 35.64 -1.07 -19.58
CA LEU C 190 35.60 -1.13 -18.12
C LEU C 190 34.20 -1.66 -17.74
N VAL C 191 34.15 -2.94 -17.36
CA VAL C 191 32.90 -3.65 -17.14
C VAL C 191 32.39 -3.57 -15.69
N ILE C 192 31.12 -3.17 -15.54
CA ILE C 192 30.46 -3.11 -14.24
C ILE C 192 29.34 -4.14 -14.20
N CYS C 193 29.45 -5.11 -13.30
CA CYS C 193 28.50 -6.20 -13.31
C CYS C 193 28.38 -6.96 -11.97
N THR C 194 27.50 -7.94 -11.92
CA THR C 194 27.30 -8.76 -10.72
C THR C 194 26.95 -7.91 -9.47
N ASN C 195 26.15 -6.88 -9.69
CA ASN C 195 25.80 -5.92 -8.66
C ASN C 195 24.87 -6.46 -7.58
N GLY C 196 25.48 -6.98 -6.50
CA GLY C 196 24.75 -7.67 -5.47
C GLY C 196 24.83 -9.17 -5.60
N GLY C 197 25.76 -9.64 -6.45
CA GLY C 197 25.97 -11.06 -6.61
C GLY C 197 25.33 -11.65 -7.86
N GLY C 198 24.53 -10.86 -8.57
CA GLY C 198 23.74 -11.36 -9.67
C GLY C 198 22.27 -11.56 -9.30
N ILE C 199 21.41 -11.68 -10.31
CA ILE C 199 20.05 -12.10 -10.07
C ILE C 199 20.04 -13.61 -9.94
N PRO C 200 19.79 -14.12 -8.73
CA PRO C 200 19.92 -15.57 -8.46
C PRO C 200 18.95 -16.44 -9.28
N CYS C 201 19.47 -17.53 -9.85
CA CYS C 201 18.75 -18.31 -10.86
C CYS C 201 18.97 -19.80 -10.69
N LYS C 202 17.99 -20.57 -11.14
CA LYS C 202 18.20 -21.99 -11.33
C LYS C 202 17.83 -22.32 -12.76
N ARG C 203 18.47 -23.34 -13.32
CA ARG C 203 18.10 -23.80 -14.65
C ARG C 203 17.85 -25.29 -14.58
N GLU C 204 16.58 -25.70 -14.58
CA GLU C 204 16.31 -27.14 -14.66
C GLU C 204 15.76 -27.60 -15.99
N ASN C 205 16.57 -28.46 -16.63
CA ASN C 205 16.48 -28.78 -18.05
C ASN C 205 16.03 -27.57 -18.88
N LYS C 206 17.01 -26.72 -19.21
CA LYS C 206 16.96 -25.79 -20.35
C LYS C 206 16.14 -24.51 -20.16
N VAL C 207 15.65 -24.28 -18.95
CA VAL C 207 14.92 -23.06 -18.68
C VAL C 207 15.37 -22.43 -17.36
N ILE C 208 15.82 -21.19 -17.46
CA ILE C 208 16.23 -20.43 -16.29
C ILE C 208 15.02 -19.71 -15.71
N SER C 209 14.89 -19.76 -14.39
CA SER C 209 13.89 -18.95 -13.69
C SER C 209 14.48 -18.34 -12.45
N GLY C 210 13.95 -17.18 -12.07
CA GLY C 210 14.42 -16.48 -10.89
C GLY C 210 14.03 -17.21 -9.62
N VAL C 211 14.95 -17.19 -8.66
CA VAL C 211 14.63 -17.68 -7.31
C VAL C 211 14.65 -16.49 -6.37
N ASP C 212 13.85 -16.56 -5.31
CA ASP C 212 13.83 -15.51 -4.33
C ASP C 212 14.85 -15.85 -3.27
N ALA C 213 16.07 -15.46 -3.54
CA ALA C 213 17.19 -15.72 -2.67
C ALA C 213 18.11 -14.54 -2.84
N VAL C 214 19.29 -14.67 -2.27
CA VAL C 214 20.31 -13.64 -2.33
C VAL C 214 21.67 -14.35 -2.44
N ILE C 215 22.66 -13.67 -3.00
CA ILE C 215 23.96 -14.28 -3.22
C ILE C 215 25.02 -13.36 -2.67
N ASP C 216 25.92 -13.89 -1.86
CA ASP C 216 27.00 -13.09 -1.31
C ASP C 216 27.78 -12.43 -2.47
N LYS C 217 27.92 -11.11 -2.43
CA LYS C 217 28.55 -10.39 -3.54
C LYS C 217 30.01 -10.78 -3.69
N ASP C 218 30.67 -11.09 -2.58
CA ASP C 218 32.08 -11.49 -2.58
C ASP C 218 32.30 -12.87 -3.18
N LEU C 219 31.47 -13.85 -2.82
CA LEU C 219 31.57 -15.20 -3.37
C LEU C 219 31.39 -15.19 -4.89
N ALA C 220 30.34 -14.48 -5.32
CA ALA C 220 30.05 -14.27 -6.72
C ALA C 220 31.27 -13.69 -7.44
N THR C 221 31.82 -12.63 -6.88
CA THR C 221 32.91 -11.95 -7.58
C THR C 221 34.13 -12.85 -7.72
N SER C 222 34.37 -13.66 -6.71
CA SER C 222 35.48 -14.60 -6.74
C SER C 222 35.19 -15.68 -7.77
N LEU C 223 33.92 -15.97 -8.03
CA LEU C 223 33.55 -16.95 -9.04
C LEU C 223 33.87 -16.43 -10.45
N LEU C 224 33.40 -15.21 -10.72
CA LEU C 224 33.69 -14.50 -11.95
C LEU C 224 35.18 -14.33 -12.24
N ALA C 225 35.96 -13.89 -11.23
CA ALA C 225 37.38 -13.71 -11.40
C ALA C 225 38.09 -15.04 -11.64
N LYS C 226 37.76 -16.05 -10.85
CA LYS C 226 38.31 -17.38 -11.11
C LYS C 226 38.06 -17.80 -12.58
N THR C 227 36.80 -17.76 -13.01
CA THR C 227 36.34 -18.16 -14.34
C THR C 227 36.96 -17.31 -15.46
N LEU C 228 37.34 -16.09 -15.12
CA LEU C 228 37.87 -15.15 -16.09
C LEU C 228 39.40 -15.27 -16.10
N ASN C 229 39.93 -16.02 -15.13
CA ASN C 229 41.39 -16.15 -14.94
C ASN C 229 42.05 -14.81 -14.73
N SER C 230 41.44 -14.02 -13.85
CA SER C 230 41.88 -12.68 -13.54
C SER C 230 43.25 -12.77 -12.90
N ASP C 231 44.02 -11.68 -12.99
CA ASP C 231 45.32 -11.66 -12.38
C ASP C 231 45.20 -11.26 -10.93
N TYR C 232 44.06 -10.64 -10.58
CA TYR C 232 43.83 -10.15 -9.23
C TYR C 232 42.36 -10.22 -8.85
N LEU C 233 42.09 -10.61 -7.61
CA LEU C 233 40.76 -10.39 -7.02
C LEU C 233 40.95 -9.40 -5.91
N MET C 234 40.19 -8.32 -5.94
CA MET C 234 40.25 -7.32 -4.89
C MET C 234 38.89 -7.16 -4.25
N ILE C 235 38.82 -7.36 -2.93
CA ILE C 235 37.60 -7.00 -2.20
C ILE C 235 37.81 -5.73 -1.38
N LEU C 236 37.05 -4.70 -1.71
CA LEU C 236 37.24 -3.40 -1.07
C LEU C 236 36.22 -3.19 0.04
N THR C 237 36.70 -2.71 1.18
CA THR C 237 35.81 -2.51 2.32
C THR C 237 36.11 -1.17 3.02
N ASP C 238 35.63 -0.98 4.25
CA ASP C 238 35.93 0.25 5.01
C ASP C 238 37.23 0.17 5.80
N VAL C 239 37.50 -0.99 6.39
CA VAL C 239 38.72 -1.23 7.14
C VAL C 239 39.88 -1.43 6.16
N LEU C 240 41.11 -1.27 6.65
CA LEU C 240 42.27 -1.31 5.76
C LEU C 240 43.01 -2.67 5.75
N ASN C 241 42.60 -3.55 6.67
CA ASN C 241 43.19 -4.88 6.78
C ASN C 241 42.22 -5.94 7.32
N ALA C 242 42.49 -7.19 6.99
CA ALA C 242 41.92 -8.31 7.72
C ALA C 242 42.68 -8.45 9.04
N CYS C 243 41.96 -8.73 10.12
CA CYS C 243 42.57 -8.78 11.44
C CYS C 243 42.28 -10.09 12.17
N ILE C 244 42.79 -10.19 13.38
CA ILE C 244 42.40 -11.23 14.32
C ILE C 244 42.34 -10.61 15.71
N ARG C 252 47.28 -7.84 16.23
CA ARG C 252 47.84 -8.48 15.05
C ARG C 252 47.02 -8.16 13.79
N LYS C 253 47.61 -7.41 12.88
CA LYS C 253 47.00 -7.15 11.59
C LYS C 253 47.70 -7.97 10.50
N LEU C 254 46.99 -8.23 9.40
CA LEU C 254 47.54 -9.03 8.31
C LEU C 254 48.09 -8.15 7.17
N GLU C 255 49.38 -8.27 6.91
CA GLU C 255 50.00 -7.47 5.84
C GLU C 255 50.07 -8.26 4.52
N GLU C 256 50.98 -9.22 4.42
CA GLU C 256 50.93 -10.16 3.30
C GLU C 256 51.03 -11.60 3.78
N ILE C 257 49.94 -12.34 3.63
CA ILE C 257 49.89 -13.72 4.12
C ILE C 257 50.10 -14.74 2.99
N LYS C 258 50.56 -15.93 3.37
CA LYS C 258 50.63 -17.05 2.45
C LYS C 258 49.32 -17.82 2.56
N LEU C 259 48.91 -18.45 1.47
CA LEU C 259 47.67 -19.20 1.47
C LEU C 259 47.54 -20.09 2.72
N SER C 260 48.67 -20.71 3.11
CA SER C 260 48.71 -21.64 4.23
C SER C 260 48.31 -20.99 5.55
N GLU C 261 48.99 -19.89 5.86
CA GLU C 261 48.79 -19.18 7.13
C GLU C 261 47.40 -18.56 7.27
N ILE C 262 46.85 -18.03 6.18
CA ILE C 262 45.52 -17.42 6.25
C ILE C 262 44.45 -18.49 6.39
N LEU C 263 44.71 -19.65 5.81
CA LEU C 263 43.76 -20.74 5.89
C LEU C 263 43.63 -21.21 7.34
N ALA C 264 44.77 -21.48 7.97
CA ALA C 264 44.79 -22.01 9.33
C ALA C 264 44.15 -21.05 10.33
N LEU C 265 44.26 -19.76 10.08
CA LEU C 265 43.59 -18.75 10.90
C LEU C 265 42.08 -18.81 10.68
N GLU C 266 41.69 -19.28 9.50
CA GLU C 266 40.27 -19.40 9.18
C GLU C 266 39.66 -20.62 9.88
N LYS C 267 40.50 -21.61 10.20
CA LYS C 267 40.05 -22.77 10.97
C LYS C 267 39.97 -22.42 12.45
N ASP C 268 41.08 -21.88 12.98
CA ASP C 268 41.09 -21.38 14.35
C ASP C 268 40.13 -20.20 14.53
N GLY C 269 39.19 -20.07 13.59
CA GLY C 269 38.03 -19.22 13.71
C GLY C 269 38.20 -17.74 13.97
N HIS C 270 39.24 -17.15 13.42
CA HIS C 270 39.53 -15.74 13.69
C HIS C 270 38.69 -14.75 12.90
N PHE C 271 38.14 -15.16 11.76
CA PHE C 271 37.35 -14.25 10.94
C PHE C 271 35.83 -14.40 11.13
N ALA C 272 35.38 -15.60 11.48
CA ALA C 272 33.95 -15.95 11.50
C ALA C 272 33.05 -15.05 12.37
N ALA C 273 33.65 -14.19 13.18
CA ALA C 273 32.89 -13.23 13.97
C ALA C 273 32.43 -12.07 13.09
N GLY C 274 33.38 -11.21 12.70
CA GLY C 274 33.10 -10.07 11.86
C GLY C 274 32.44 -10.45 10.54
N SER C 275 32.23 -9.44 9.70
CA SER C 275 31.68 -9.66 8.38
C SER C 275 32.78 -10.15 7.42
N MET C 276 34.00 -10.23 7.93
CA MET C 276 35.16 -10.58 7.13
C MET C 276 35.28 -12.08 6.91
N GLY C 277 34.37 -12.84 7.51
CA GLY C 277 34.34 -14.27 7.27
C GLY C 277 34.24 -14.59 5.80
N PRO C 278 33.06 -14.33 5.19
CA PRO C 278 32.83 -14.64 3.77
C PRO C 278 33.83 -13.95 2.84
N LYS C 279 34.21 -12.72 3.17
CA LYS C 279 35.24 -12.03 2.38
C LYS C 279 36.52 -12.84 2.26
N VAL C 280 37.01 -13.34 3.39
CA VAL C 280 38.27 -14.09 3.41
C VAL C 280 38.10 -15.44 2.75
N ARG C 281 36.90 -16.00 2.89
CA ARG C 281 36.59 -17.25 2.22
C ARG C 281 36.73 -17.09 0.71
N ALA C 282 36.26 -15.95 0.20
CA ALA C 282 36.18 -15.71 -1.23
C ALA C 282 37.58 -15.56 -1.79
N ALA C 283 38.39 -14.82 -1.04
CA ALA C 283 39.75 -14.52 -1.44
C ALA C 283 40.56 -15.80 -1.48
N ILE C 284 40.46 -16.59 -0.41
CA ILE C 284 41.12 -17.89 -0.33
C ILE C 284 40.75 -18.82 -1.49
N GLU C 285 39.49 -18.82 -1.90
CA GLU C 285 39.04 -19.74 -2.95
C GLU C 285 39.57 -19.36 -4.35
N PHE C 286 39.63 -18.06 -4.64
CA PHE C 286 40.18 -17.56 -5.88
C PHE C 286 41.68 -17.82 -5.95
N THR C 287 42.36 -17.63 -4.83
CA THR C 287 43.81 -17.84 -4.79
C THR C 287 44.11 -19.34 -4.81
N GLN C 288 43.25 -20.12 -4.18
CA GLN C 288 43.42 -21.56 -4.20
C GLN C 288 43.24 -22.12 -5.60
N ALA C 289 42.26 -21.59 -6.34
CA ALA C 289 41.90 -22.12 -7.65
C ALA C 289 42.82 -21.68 -8.80
N THR C 290 43.37 -20.49 -8.70
CA THR C 290 44.07 -19.89 -9.83
C THR C 290 45.52 -19.60 -9.53
N GLY C 291 45.85 -19.60 -8.24
CA GLY C 291 47.20 -19.29 -7.80
C GLY C 291 47.50 -17.80 -7.70
N LYS C 292 46.61 -16.96 -8.23
CA LYS C 292 46.90 -15.53 -8.31
C LYS C 292 46.57 -14.79 -7.00
N MET C 293 47.06 -13.58 -6.84
CA MET C 293 46.86 -12.79 -5.64
C MET C 293 45.41 -12.35 -5.47
N SER C 294 44.92 -12.37 -4.22
CA SER C 294 43.63 -11.78 -3.91
C SER C 294 43.84 -10.73 -2.81
N ILE C 295 43.22 -9.57 -2.97
CA ILE C 295 43.51 -8.42 -2.12
C ILE C 295 42.30 -7.95 -1.34
N ILE C 296 42.46 -7.77 -0.03
CA ILE C 296 41.41 -7.23 0.81
C ILE C 296 41.94 -6.00 1.52
N THR C 297 41.52 -4.83 1.06
CA THR C 297 41.87 -3.58 1.74
C THR C 297 40.72 -2.58 1.66
N SER C 298 40.99 -1.35 2.05
CA SER C 298 39.98 -0.30 2.08
C SER C 298 39.70 0.26 0.69
N LEU C 299 38.51 0.80 0.51
CA LEU C 299 38.21 1.46 -0.75
C LEU C 299 39.24 2.58 -0.99
N SER C 300 39.76 3.14 0.09
CA SER C 300 40.65 4.30 0.05
C SER C 300 42.12 3.94 -0.19
N THR C 301 42.39 2.64 -0.32
CA THR C 301 43.75 2.18 -0.51
C THR C 301 43.80 1.10 -1.59
N ALA C 302 42.99 1.27 -2.63
CA ALA C 302 42.91 0.25 -3.68
C ALA C 302 44.20 0.17 -4.49
N VAL C 303 44.57 1.26 -5.15
CA VAL C 303 45.77 1.26 -5.97
C VAL C 303 47.01 0.97 -5.14
N ASP C 304 47.06 1.54 -3.94
CA ASP C 304 48.19 1.31 -3.05
C ASP C 304 48.37 -0.17 -2.76
N ALA C 305 47.30 -0.83 -2.34
CA ALA C 305 47.36 -2.27 -2.19
C ALA C 305 47.90 -2.94 -3.48
N LEU C 306 47.39 -2.58 -4.65
CA LEU C 306 47.92 -3.15 -5.89
C LEU C 306 49.39 -2.81 -6.11
N ASN C 307 49.85 -1.71 -5.52
CA ASN C 307 51.23 -1.28 -5.69
C ASN C 307 52.18 -1.98 -4.72
N GLY C 308 51.62 -2.85 -3.88
CA GLY C 308 52.43 -3.53 -2.88
C GLY C 308 52.85 -2.61 -1.76
N LYS C 309 51.96 -1.71 -1.37
CA LYS C 309 52.24 -0.74 -0.30
C LYS C 309 51.49 -1.06 0.97
N CYS C 310 50.31 -1.67 0.86
CA CYS C 310 49.53 -2.04 2.04
C CYS C 310 48.51 -3.14 1.79
N GLY C 311 47.44 -3.12 2.58
CA GLY C 311 46.36 -4.08 2.49
C GLY C 311 46.79 -5.51 2.78
N THR C 312 45.82 -6.38 2.98
CA THR C 312 46.09 -7.81 3.13
C THR C 312 46.15 -8.39 1.74
N ARG C 313 47.22 -9.12 1.46
CA ARG C 313 47.45 -9.69 0.16
C ARG C 313 47.73 -11.18 0.33
N ILE C 314 46.87 -12.00 -0.25
CA ILE C 314 46.96 -13.44 -0.08
C ILE C 314 47.68 -14.07 -1.26
N ILE C 315 48.78 -14.73 -0.97
CA ILE C 315 49.70 -15.20 -2.00
C ILE C 315 49.80 -16.72 -2.02
N LYS C 316 49.99 -17.28 -3.21
CA LYS C 316 50.18 -18.72 -3.36
C LYS C 316 51.30 -19.16 -2.44
N ASP C 317 51.15 -20.35 -1.87
CA ASP C 317 52.20 -20.90 -1.04
C ASP C 317 53.15 -21.72 -1.92
N SER D 3 28.67 -13.29 -37.95
CA SER D 3 29.91 -12.59 -38.25
C SER D 3 29.85 -12.00 -39.65
N ALA D 4 29.17 -12.73 -40.54
CA ALA D 4 28.88 -12.23 -41.88
C ALA D 4 27.49 -11.60 -42.01
N GLY D 5 26.64 -11.80 -40.99
CA GLY D 5 25.23 -11.41 -41.09
C GLY D 5 25.03 -9.92 -41.00
N LYS D 6 23.95 -9.42 -41.61
CA LYS D 6 23.64 -7.99 -41.51
C LYS D 6 23.03 -7.72 -40.14
N THR D 7 22.97 -6.44 -39.78
CA THR D 7 22.51 -6.03 -38.47
C THR D 7 21.11 -5.43 -38.55
N VAL D 8 20.16 -6.03 -37.83
CA VAL D 8 18.87 -5.38 -37.63
C VAL D 8 18.68 -4.84 -36.20
N VAL D 9 18.37 -3.55 -36.09
CA VAL D 9 18.02 -2.96 -34.81
C VAL D 9 16.51 -3.06 -34.64
N ILE D 10 16.07 -3.71 -33.57
CA ILE D 10 14.66 -4.06 -33.38
C ILE D 10 14.03 -3.43 -32.12
N ALA D 11 13.09 -2.52 -32.34
CA ALA D 11 12.38 -1.86 -31.25
C ALA D 11 11.07 -2.59 -30.95
N LEU D 12 11.02 -3.28 -29.82
CA LEU D 12 9.80 -3.98 -29.38
C LEU D 12 8.80 -3.01 -28.80
N GLY D 13 7.52 -3.34 -28.95
CA GLY D 13 6.46 -2.48 -28.45
C GLY D 13 5.86 -2.93 -27.12
N GLY D 14 5.01 -2.08 -26.55
CA GLY D 14 4.38 -2.38 -25.28
C GLY D 14 3.90 -3.82 -25.19
N ASN D 15 3.43 -4.36 -26.31
CA ASN D 15 2.79 -5.69 -26.33
C ASN D 15 3.77 -6.87 -26.17
N ALA D 16 5.05 -6.56 -26.04
CA ALA D 16 6.02 -7.60 -25.75
C ALA D 16 5.94 -7.93 -24.26
N MET D 17 5.17 -7.12 -23.53
CA MET D 17 5.02 -7.26 -22.08
C MET D 17 3.57 -7.12 -21.64
N LEU D 18 2.81 -6.30 -22.36
CA LEU D 18 1.41 -5.99 -22.00
C LEU D 18 0.44 -6.07 -23.19
N GLN D 19 -0.45 -7.05 -23.16
CA GLN D 19 -1.50 -7.08 -24.16
C GLN D 19 -2.52 -6.02 -23.84
N ALA D 20 -3.74 -6.20 -24.33
CA ALA D 20 -4.74 -5.14 -24.24
C ALA D 20 -5.44 -5.11 -22.89
N LYS D 21 -4.80 -4.37 -21.97
CA LYS D 21 -5.25 -4.08 -20.60
C LYS D 21 -5.19 -5.29 -19.68
N GLU D 22 -4.04 -6.00 -19.69
CA GLU D 22 -3.73 -6.99 -18.66
C GLU D 22 -3.20 -6.30 -17.39
N LYS D 23 -2.98 -7.07 -16.32
CA LYS D 23 -2.38 -6.47 -15.12
C LYS D 23 -0.86 -6.47 -15.25
N GLY D 24 -0.21 -5.54 -14.55
CA GLY D 24 1.22 -5.35 -14.65
C GLY D 24 1.99 -6.22 -13.67
N ASP D 25 1.55 -7.45 -13.51
CA ASP D 25 2.20 -8.33 -12.55
C ASP D 25 3.35 -9.04 -13.23
N TYR D 26 4.34 -9.46 -12.46
CA TYR D 26 5.54 -10.07 -13.02
C TYR D 26 5.25 -11.18 -14.02
N ASP D 27 4.55 -12.22 -13.59
CA ASP D 27 4.31 -13.41 -14.43
C ASP D 27 3.67 -13.14 -15.80
N THR D 28 2.74 -12.20 -15.82
CA THR D 28 2.10 -11.75 -17.04
C THR D 28 3.15 -11.17 -18.00
N GLN D 29 4.05 -10.35 -17.45
CA GLN D 29 5.09 -9.72 -18.26
C GLN D 29 6.05 -10.78 -18.77
N ARG D 30 6.50 -11.67 -17.89
CA ARG D 30 7.36 -12.78 -18.30
C ARG D 30 6.77 -13.51 -19.50
N LYS D 31 5.56 -14.02 -19.36
CA LYS D 31 4.90 -14.74 -20.44
C LYS D 31 5.00 -14.01 -21.77
N ASN D 32 4.66 -12.73 -21.73
CA ASN D 32 4.63 -11.90 -22.92
C ASN D 32 6.00 -11.72 -23.56
N VAL D 33 7.02 -11.53 -22.74
CA VAL D 33 8.38 -11.43 -23.23
C VAL D 33 8.83 -12.75 -23.87
N GLU D 34 8.40 -13.86 -23.31
CA GLU D 34 8.86 -15.14 -23.80
C GLU D 34 8.27 -15.41 -25.18
N ILE D 35 7.13 -14.79 -25.45
CA ILE D 35 6.43 -14.93 -26.72
C ILE D 35 7.19 -14.11 -27.73
N ALA D 36 7.69 -12.97 -27.28
CA ALA D 36 8.53 -12.11 -28.09
C ALA D 36 9.89 -12.75 -28.39
N ALA D 37 10.51 -13.36 -27.38
CA ALA D 37 11.87 -13.89 -27.52
C ALA D 37 11.87 -15.04 -28.50
N SER D 38 10.77 -15.76 -28.52
CA SER D 38 10.54 -16.80 -29.50
C SER D 38 10.47 -16.27 -30.94
N GLU D 39 9.96 -15.05 -31.13
CA GLU D 39 9.88 -14.45 -32.47
C GLU D 39 11.24 -13.86 -32.85
N ILE D 40 11.84 -13.15 -31.90
CA ILE D 40 13.16 -12.56 -32.12
C ILE D 40 14.20 -13.62 -32.39
N TYR D 41 14.01 -14.81 -31.83
CA TYR D 41 14.98 -15.87 -32.02
C TYR D 41 15.07 -16.28 -33.49
N LYS D 42 13.92 -16.27 -34.17
CA LYS D 42 13.86 -16.63 -35.59
C LYS D 42 14.76 -15.72 -36.42
N ILE D 43 14.81 -14.44 -36.05
CA ILE D 43 15.70 -13.51 -36.74
C ILE D 43 17.16 -13.88 -36.47
N HIS D 44 17.48 -14.21 -35.23
CA HIS D 44 18.86 -14.57 -34.92
C HIS D 44 19.23 -15.84 -35.68
N LYS D 45 18.24 -16.70 -35.86
CA LYS D 45 18.47 -17.99 -36.49
C LYS D 45 18.81 -17.81 -37.97
N ALA D 46 18.00 -17.01 -38.66
CA ALA D 46 18.21 -16.70 -40.07
C ALA D 46 19.62 -16.20 -40.36
N GLY D 47 20.38 -15.86 -39.32
CA GLY D 47 21.77 -15.42 -39.47
C GLY D 47 22.06 -13.98 -39.09
N TYR D 48 21.03 -13.20 -38.81
CA TYR D 48 21.21 -11.79 -38.53
C TYR D 48 21.87 -11.49 -37.20
N LYS D 49 22.50 -10.32 -37.13
CA LYS D 49 22.99 -9.76 -35.89
C LYS D 49 21.93 -8.81 -35.38
N VAL D 50 21.64 -8.87 -34.08
CA VAL D 50 20.44 -8.22 -33.56
C VAL D 50 20.68 -7.31 -32.36
N VAL D 51 20.19 -6.08 -32.47
CA VAL D 51 20.09 -5.20 -31.31
C VAL D 51 18.62 -5.03 -30.91
N LEU D 52 18.31 -5.27 -29.63
CA LEU D 52 16.95 -5.25 -29.11
C LEU D 52 16.70 -4.08 -28.17
N THR D 53 15.84 -3.17 -28.59
CA THR D 53 15.37 -2.12 -27.72
C THR D 53 13.89 -2.41 -27.42
N SER D 54 13.21 -1.45 -26.80
CA SER D 54 11.86 -1.66 -26.31
C SER D 54 11.37 -0.37 -25.68
N GLY D 55 10.09 -0.36 -25.34
CA GLY D 55 9.51 0.73 -24.56
C GLY D 55 9.48 0.56 -23.04
N ASN D 56 9.08 1.64 -22.38
CA ASN D 56 9.22 1.84 -20.94
C ASN D 56 7.89 2.04 -20.24
N GLY D 57 6.91 2.51 -21.01
CA GLY D 57 5.70 3.13 -20.50
C GLY D 57 5.10 2.59 -19.21
N PRO D 58 4.54 1.39 -19.28
CA PRO D 58 3.89 0.80 -18.11
C PRO D 58 4.87 0.52 -16.96
N GLN D 59 6.06 0.02 -17.28
CA GLN D 59 7.06 -0.39 -16.28
C GLN D 59 7.65 0.77 -15.49
N VAL D 60 8.13 1.79 -16.19
CA VAL D 60 8.64 2.98 -15.50
C VAL D 60 7.50 3.77 -14.82
N GLY D 61 6.27 3.58 -15.29
CA GLY D 61 5.12 4.24 -14.69
C GLY D 61 4.78 3.63 -13.33
N ALA D 62 4.66 2.31 -13.31
CA ALA D 62 4.40 1.56 -12.08
C ALA D 62 5.47 1.87 -11.05
N ILE D 63 6.74 1.79 -11.47
CA ILE D 63 7.87 2.01 -10.59
C ILE D 63 7.84 3.42 -10.00
N LYS D 64 7.59 4.41 -10.83
CA LYS D 64 7.52 5.78 -10.32
C LYS D 64 6.32 5.90 -9.35
N LEU D 65 5.25 5.16 -9.62
CA LEU D 65 4.11 5.06 -8.73
C LEU D 65 4.50 4.47 -7.36
N GLN D 66 5.11 3.28 -7.35
CA GLN D 66 5.55 2.69 -6.08
C GLN D 66 6.46 3.64 -5.29
N ASN D 67 7.32 4.37 -5.99
CA ASN D 67 8.19 5.34 -5.32
C ASN D 67 7.42 6.50 -4.70
N GLN D 68 6.25 6.80 -5.25
CA GLN D 68 5.34 7.82 -4.70
C GLN D 68 4.56 7.25 -3.51
N ALA D 69 3.91 6.11 -3.75
CA ALA D 69 3.14 5.44 -2.73
C ALA D 69 3.93 5.24 -1.44
N ALA D 70 5.22 4.96 -1.59
CA ALA D 70 6.01 4.54 -0.43
C ALA D 70 6.96 5.61 0.07
N ALA D 71 6.82 6.84 -0.43
CA ALA D 71 7.61 7.96 0.07
C ALA D 71 7.57 8.11 1.61
N GLY D 72 6.61 7.47 2.26
CA GLY D 72 6.58 7.48 3.71
C GLY D 72 7.62 6.55 4.32
N VAL D 73 7.78 5.38 3.73
CA VAL D 73 8.51 4.29 4.37
C VAL D 73 9.91 4.04 3.78
N SER D 74 10.14 4.61 2.60
CA SER D 74 11.42 4.48 1.90
C SER D 74 11.59 5.67 0.97
N PRO D 75 12.82 6.16 0.83
CA PRO D 75 13.01 7.40 0.08
C PRO D 75 12.61 7.27 -1.39
N GLU D 76 12.02 8.35 -1.91
CA GLU D 76 11.50 8.39 -3.26
C GLU D 76 12.60 8.65 -4.29
N MET D 77 12.72 7.75 -5.24
CA MET D 77 13.68 7.92 -6.32
C MET D 77 13.09 8.78 -7.43
N PRO D 78 13.94 9.59 -8.07
CA PRO D 78 13.52 10.52 -9.12
C PRO D 78 13.15 9.74 -10.38
N LEU D 79 12.50 10.39 -11.34
CA LEU D 79 12.06 9.69 -12.55
C LEU D 79 13.22 9.03 -13.34
N HIS D 80 14.32 9.73 -13.52
CA HIS D 80 15.44 9.14 -14.23
C HIS D 80 15.95 7.85 -13.56
N VAL D 81 16.03 7.85 -12.23
CA VAL D 81 16.39 6.63 -11.51
C VAL D 81 15.35 5.50 -11.72
N CYS D 82 14.08 5.84 -11.73
CA CYS D 82 13.03 4.81 -11.93
C CYS D 82 13.18 4.16 -13.30
N GLY D 83 13.48 4.99 -14.29
CA GLY D 83 13.86 4.51 -15.61
C GLY D 83 15.02 3.53 -15.52
N ALA D 84 16.05 3.86 -14.75
CA ALA D 84 17.17 2.94 -14.56
C ALA D 84 16.72 1.60 -13.96
N MET D 85 15.94 1.66 -12.89
CA MET D 85 15.39 0.46 -12.30
C MET D 85 14.59 -0.34 -13.36
N SER D 86 13.79 0.35 -14.16
CA SER D 86 12.98 -0.33 -15.19
C SER D 86 13.79 -1.06 -16.27
N GLN D 87 15.02 -0.61 -16.53
CA GLN D 87 15.89 -1.29 -17.49
C GLN D 87 16.39 -2.58 -16.90
N GLY D 88 16.69 -2.57 -15.61
CA GLY D 88 17.17 -3.77 -14.93
C GLY D 88 16.13 -4.86 -15.10
N PHE D 89 14.90 -4.48 -14.81
CA PHE D 89 13.75 -5.37 -14.79
C PHE D 89 13.43 -5.92 -16.19
N ILE D 90 13.16 -5.02 -17.14
CA ILE D 90 12.88 -5.40 -18.53
C ILE D 90 14.03 -6.21 -19.14
N GLY D 91 15.23 -5.65 -19.06
CA GLY D 91 16.43 -6.31 -19.55
C GLY D 91 16.63 -7.70 -18.97
N TYR D 92 16.53 -7.83 -17.66
CA TYR D 92 16.59 -9.12 -17.00
C TYR D 92 15.55 -10.07 -17.60
N MET D 93 14.31 -9.60 -17.70
CA MET D 93 13.24 -10.36 -18.32
C MET D 93 13.65 -10.75 -19.73
N MET D 94 14.11 -9.76 -20.49
CA MET D 94 14.45 -9.96 -21.88
C MET D 94 15.67 -10.86 -22.10
N SER D 95 16.76 -10.61 -21.40
CA SER D 95 17.90 -11.50 -21.53
C SER D 95 17.67 -12.93 -20.99
N GLN D 96 16.85 -13.10 -19.97
CA GLN D 96 16.60 -14.46 -19.47
C GLN D 96 15.73 -15.24 -20.47
N ALA D 97 14.69 -14.59 -20.96
CA ALA D 97 13.83 -15.21 -21.96
C ALA D 97 14.60 -15.54 -23.24
N MET D 98 15.53 -14.66 -23.62
CA MET D 98 16.34 -14.96 -24.80
C MET D 98 17.36 -16.07 -24.55
N ASP D 99 18.02 -16.09 -23.40
CA ASP D 99 18.87 -17.24 -23.08
C ASP D 99 18.06 -18.53 -23.16
N ASN D 100 16.82 -18.49 -22.67
CA ASN D 100 15.93 -19.65 -22.71
C ASN D 100 15.64 -20.19 -24.12
N VAL D 101 15.27 -19.32 -25.07
CA VAL D 101 15.08 -19.74 -26.46
C VAL D 101 16.33 -20.42 -27.00
N PHE D 102 17.47 -19.75 -26.85
CA PHE D 102 18.74 -20.30 -27.29
C PHE D 102 18.90 -21.74 -26.80
N CYS D 103 18.72 -21.95 -25.51
CA CYS D 103 18.93 -23.27 -24.92
C CYS D 103 17.93 -24.29 -25.47
N ALA D 104 16.73 -23.82 -25.77
CA ALA D 104 15.71 -24.67 -26.38
C ALA D 104 16.13 -25.16 -27.78
N ASN D 105 16.84 -24.30 -28.52
CA ASN D 105 17.35 -24.68 -29.83
C ASN D 105 18.78 -25.19 -29.75
N ASN D 106 19.26 -25.42 -28.53
CA ASN D 106 20.57 -26.02 -28.29
C ASN D 106 21.72 -25.09 -28.70
N GLU D 107 21.55 -23.80 -28.46
CA GLU D 107 22.57 -22.83 -28.76
C GLU D 107 23.14 -22.30 -27.45
N PRO D 108 24.47 -22.29 -27.31
CA PRO D 108 25.03 -21.67 -26.12
C PRO D 108 24.57 -20.20 -26.02
N ALA D 109 24.22 -19.75 -24.82
CA ALA D 109 23.70 -18.41 -24.61
C ALA D 109 24.73 -17.31 -24.88
N ASN D 110 24.29 -16.22 -25.52
CA ASN D 110 25.20 -15.15 -25.87
C ASN D 110 24.45 -13.86 -26.06
N CYS D 111 24.01 -13.26 -24.97
CA CYS D 111 23.19 -12.07 -25.06
C CYS D 111 23.39 -11.33 -23.76
N VAL D 112 23.12 -10.02 -23.77
CA VAL D 112 23.20 -9.20 -22.56
C VAL D 112 22.34 -7.98 -22.65
N THR D 113 22.08 -7.43 -21.48
CA THR D 113 21.43 -6.15 -21.36
C THR D 113 22.41 -5.13 -20.79
N CYS D 114 22.51 -4.01 -21.49
CA CYS D 114 23.30 -2.91 -21.04
C CYS D 114 22.40 -1.81 -20.53
N VAL D 115 22.62 -1.43 -19.27
CA VAL D 115 22.09 -0.19 -18.74
C VAL D 115 22.55 0.90 -19.69
N THR D 116 21.66 1.81 -20.06
CA THR D 116 21.90 2.70 -21.16
C THR D 116 21.43 4.10 -20.83
N GLN D 117 22.28 5.10 -21.10
CA GLN D 117 21.92 6.49 -20.91
C GLN D 117 21.73 7.16 -22.27
N THR D 118 20.85 8.14 -22.34
CA THR D 118 20.61 8.89 -23.54
C THR D 118 20.62 10.38 -23.23
N LEU D 119 21.62 11.09 -23.75
CA LEU D 119 21.66 12.53 -23.61
C LEU D 119 20.47 13.13 -24.29
N VAL D 120 19.95 14.21 -23.71
CA VAL D 120 18.89 15.01 -24.32
C VAL D 120 19.27 16.47 -24.15
N ASP D 121 18.49 17.39 -24.74
CA ASP D 121 18.68 18.82 -24.51
C ASP D 121 17.93 19.25 -23.27
N PRO D 122 18.64 19.88 -22.33
CA PRO D 122 18.10 20.39 -21.05
C PRO D 122 16.98 21.42 -21.23
N LYS D 123 17.03 22.16 -22.33
CA LYS D 123 16.03 23.18 -22.63
C LYS D 123 15.07 22.71 -23.72
N ASP D 124 14.82 21.40 -23.76
CA ASP D 124 13.87 20.86 -24.72
C ASP D 124 12.50 21.37 -24.31
N GLN D 125 11.68 21.71 -25.29
CA GLN D 125 10.31 22.15 -25.02
C GLN D 125 9.58 21.13 -24.16
N ALA D 126 10.04 19.87 -24.23
CA ALA D 126 9.42 18.77 -23.50
C ALA D 126 9.21 19.14 -22.04
N PHE D 127 10.21 19.81 -21.47
CA PHE D 127 10.23 20.09 -20.02
C PHE D 127 9.17 21.09 -19.57
N THR D 128 8.70 21.92 -20.51
CA THR D 128 7.54 22.78 -20.27
C THR D 128 6.24 22.12 -20.70
N ASN D 129 6.32 21.17 -21.62
CA ASN D 129 5.12 20.52 -22.10
C ASN D 129 5.09 18.96 -22.00
N PRO D 130 4.94 18.42 -20.78
CA PRO D 130 4.83 16.96 -20.62
C PRO D 130 3.66 16.39 -21.43
N THR D 131 3.91 15.29 -22.14
CA THR D 131 2.96 14.70 -23.10
C THR D 131 3.01 13.18 -23.08
N LYS D 132 4.01 12.65 -22.39
CA LYS D 132 4.34 11.23 -22.57
C LYS D 132 3.68 10.37 -21.52
N PRO D 133 2.79 9.49 -21.97
CA PRO D 133 2.02 8.59 -21.12
C PRO D 133 2.83 7.45 -20.55
N VAL D 134 2.86 7.37 -19.22
CA VAL D 134 3.50 6.25 -18.54
C VAL D 134 2.50 5.65 -17.54
N GLY D 135 2.80 4.47 -17.02
CA GLY D 135 1.89 3.77 -16.12
C GLY D 135 0.69 3.17 -16.84
N ARG D 136 -0.27 2.67 -16.07
CA ARG D 136 -1.48 2.11 -16.68
C ARG D 136 -2.61 3.13 -16.67
N PHE D 137 -3.75 2.74 -17.26
CA PHE D 137 -4.87 3.67 -17.47
C PHE D 137 -5.81 3.77 -16.28
N TYR D 138 -6.27 4.99 -16.02
CA TYR D 138 -7.30 5.28 -15.03
C TYR D 138 -8.63 5.50 -15.75
N THR D 139 -9.66 5.88 -15.01
CA THR D 139 -10.92 6.32 -15.60
C THR D 139 -11.02 7.83 -15.46
N GLU D 140 -12.07 8.42 -16.04
CA GLU D 140 -12.18 9.89 -16.09
C GLU D 140 -12.44 10.55 -14.72
N GLN D 141 -13.06 9.84 -13.79
CA GLN D 141 -13.27 10.36 -12.45
C GLN D 141 -12.17 9.87 -11.52
N GLU D 142 -11.68 8.66 -11.78
CA GLU D 142 -10.46 8.15 -11.15
C GLU D 142 -9.35 9.20 -11.24
N ALA D 143 -9.33 9.92 -12.36
CA ALA D 143 -8.24 10.83 -12.69
C ALA D 143 -8.43 12.25 -12.16
N LYS D 144 -9.68 12.68 -12.04
CA LYS D 144 -9.99 14.07 -11.71
C LYS D 144 -9.67 14.45 -10.26
N ASP D 145 -10.23 13.69 -9.33
CA ASP D 145 -10.06 13.93 -7.90
C ASP D 145 -8.68 13.50 -7.45
N LEU D 146 -8.15 12.50 -8.15
CA LEU D 146 -6.76 12.10 -8.02
C LEU D 146 -5.88 13.28 -8.42
N MET D 147 -6.22 13.88 -9.56
CA MET D 147 -5.45 15.01 -10.13
C MET D 147 -5.62 16.30 -9.32
N ALA D 148 -6.37 16.21 -8.22
CA ALA D 148 -6.56 17.36 -7.33
C ALA D 148 -5.82 17.12 -6.01
N ALA D 149 -5.82 15.86 -5.56
CA ALA D 149 -5.07 15.46 -4.37
C ALA D 149 -3.69 16.11 -4.39
N ASN D 150 -2.89 15.75 -5.39
CA ASN D 150 -1.71 16.53 -5.74
C ASN D 150 -2.01 17.29 -7.02
N PRO D 151 -2.08 18.63 -6.95
CA PRO D 151 -2.30 19.41 -8.16
C PRO D 151 -1.14 19.21 -9.13
N GLY D 152 0.03 18.85 -8.59
CA GLY D 152 1.22 18.65 -9.39
C GLY D 152 1.06 17.61 -10.48
N LYS D 153 0.43 16.50 -10.15
CA LYS D 153 0.14 15.45 -11.13
C LYS D 153 -0.53 16.01 -12.37
N ILE D 154 0.03 15.69 -13.53
CA ILE D 154 -0.67 15.93 -14.78
C ILE D 154 -1.17 14.60 -15.32
N LEU D 155 -2.44 14.57 -15.72
CA LEU D 155 -3.01 13.42 -16.40
C LEU D 155 -3.61 13.89 -17.72
N ARG D 156 -3.81 12.97 -18.64
CA ARG D 156 -4.25 13.37 -19.97
C ARG D 156 -4.94 12.23 -20.70
N GLU D 157 -5.91 12.59 -21.54
CA GLU D 157 -6.68 11.60 -22.29
C GLU D 157 -5.85 10.90 -23.36
N ASP D 158 -5.58 9.63 -23.11
CA ASP D 158 -4.73 8.82 -23.98
C ASP D 158 -5.44 7.52 -24.38
N ALA D 159 -5.31 7.17 -25.67
CA ALA D 159 -6.02 6.02 -26.25
C ALA D 159 -7.53 6.25 -26.26
N GLY D 160 -7.94 7.42 -25.79
CA GLY D 160 -9.34 7.70 -25.58
C GLY D 160 -9.89 6.77 -24.52
N ARG D 161 -9.28 5.59 -24.41
CA ARG D 161 -9.75 4.55 -23.50
C ARG D 161 -9.10 4.56 -22.11
N GLY D 162 -8.80 5.75 -21.61
CA GLY D 162 -8.27 5.90 -20.27
C GLY D 162 -7.54 7.21 -20.10
N TRP D 163 -7.38 7.62 -18.85
CA TRP D 163 -6.50 8.72 -18.50
C TRP D 163 -5.19 8.11 -18.03
N ARG D 164 -4.14 8.90 -18.02
CA ARG D 164 -2.84 8.35 -17.71
C ARG D 164 -1.84 9.46 -17.37
N VAL D 165 -0.91 9.14 -16.48
CA VAL D 165 0.19 10.04 -16.11
C VAL D 165 1.06 10.44 -17.32
N VAL D 166 1.59 11.66 -17.27
CA VAL D 166 2.24 12.28 -18.44
C VAL D 166 3.56 12.99 -18.11
N VAL D 167 4.62 12.61 -18.83
CA VAL D 167 5.98 13.05 -18.51
C VAL D 167 6.69 13.69 -19.69
N PRO D 168 7.63 14.61 -19.43
CA PRO D 168 8.42 15.30 -20.48
C PRO D 168 9.10 14.31 -21.43
N SER D 169 9.11 14.62 -22.72
CA SER D 169 9.67 13.69 -23.71
C SER D 169 10.65 14.42 -24.64
N PRO D 170 11.90 14.63 -24.16
CA PRO D 170 12.91 15.34 -24.95
C PRO D 170 13.32 14.49 -26.13
N ARG D 171 13.81 15.14 -27.18
CA ARG D 171 14.35 14.44 -28.32
C ARG D 171 15.71 13.87 -27.94
N PRO D 172 15.94 12.57 -28.21
CA PRO D 172 17.22 11.93 -27.89
C PRO D 172 18.34 12.41 -28.81
N LEU D 173 19.47 12.81 -28.21
CA LEU D 173 20.61 13.28 -28.98
C LEU D 173 21.72 12.25 -29.14
N GLU D 174 21.90 11.41 -28.13
CA GLU D 174 23.10 10.57 -28.10
C GLU D 174 22.94 9.40 -27.14
N ILE D 175 23.24 8.18 -27.63
CA ILE D 175 23.35 7.00 -26.79
C ILE D 175 24.76 6.95 -26.21
N VAL D 176 24.90 7.22 -24.93
CA VAL D 176 26.23 7.25 -24.30
C VAL D 176 27.01 5.94 -24.50
N GLU D 177 26.38 4.80 -24.24
CA GLU D 177 27.10 3.54 -24.34
C GLU D 177 27.20 3.06 -25.79
N TYR D 178 27.01 3.95 -26.76
CA TYR D 178 27.03 3.52 -28.16
C TYR D 178 28.27 2.69 -28.52
N GLY D 179 29.45 3.23 -28.22
CA GLY D 179 30.70 2.55 -28.52
C GLY D 179 30.80 1.11 -28.03
N VAL D 180 30.20 0.81 -26.88
CA VAL D 180 30.24 -0.53 -26.34
C VAL D 180 29.27 -1.45 -27.07
N ILE D 181 28.10 -0.92 -27.38
CA ILE D 181 27.11 -1.68 -28.16
C ILE D 181 27.69 -2.11 -29.48
N LYS D 182 28.37 -1.19 -30.15
CA LYS D 182 29.03 -1.48 -31.42
C LYS D 182 30.00 -2.63 -31.21
N THR D 183 30.85 -2.51 -30.20
CA THR D 183 31.84 -3.55 -29.93
C THR D 183 31.14 -4.89 -29.77
N LEU D 184 30.00 -4.88 -29.10
CA LEU D 184 29.26 -6.12 -28.83
C LEU D 184 28.66 -6.77 -30.07
N ILE D 185 28.01 -6.00 -30.95
CA ILE D 185 27.52 -6.60 -32.21
C ILE D 185 28.66 -7.06 -33.14
N ASP D 186 29.80 -6.37 -33.15
CA ASP D 186 30.92 -6.80 -33.97
C ASP D 186 31.35 -8.18 -33.52
N ASN D 187 31.12 -8.47 -32.24
CA ASN D 187 31.49 -9.77 -31.72
C ASN D 187 30.34 -10.72 -31.67
N ASN D 188 29.24 -10.31 -32.28
CA ASN D 188 28.15 -11.22 -32.50
C ASN D 188 27.46 -11.58 -31.22
N VAL D 189 27.31 -10.60 -30.34
CA VAL D 189 26.55 -10.76 -29.12
C VAL D 189 25.20 -10.17 -29.39
N LEU D 190 24.15 -10.89 -29.05
CA LEU D 190 22.81 -10.34 -29.10
C LEU D 190 22.68 -9.30 -27.96
N VAL D 191 22.70 -8.02 -28.32
CA VAL D 191 22.61 -6.94 -27.34
C VAL D 191 21.18 -6.44 -27.08
N ILE D 192 20.77 -6.49 -25.82
CA ILE D 192 19.56 -5.79 -25.39
C ILE D 192 19.97 -4.47 -24.71
N CYS D 193 19.37 -3.38 -25.15
CA CYS D 193 19.77 -2.06 -24.66
C CYS D 193 18.75 -1.02 -25.06
N THR D 194 18.94 0.19 -24.52
CA THR D 194 18.08 1.32 -24.85
C THR D 194 16.61 1.00 -24.52
N ASN D 195 16.39 0.09 -23.57
CA ASN D 195 15.08 -0.20 -22.96
C ASN D 195 14.32 1.02 -22.39
N GLY D 196 13.29 1.48 -23.10
CA GLY D 196 12.57 2.65 -22.68
C GLY D 196 13.22 3.91 -23.20
N GLY D 197 14.22 3.73 -24.07
CA GLY D 197 14.86 4.83 -24.75
C GLY D 197 16.17 5.27 -24.11
N GLY D 198 16.58 4.58 -23.05
CA GLY D 198 17.73 4.98 -22.27
C GLY D 198 17.38 6.01 -21.20
N ILE D 199 18.08 5.94 -20.08
CA ILE D 199 17.85 6.88 -19.00
C ILE D 199 18.21 8.26 -19.48
N PRO D 200 17.23 9.18 -19.52
CA PRO D 200 17.41 10.58 -19.92
C PRO D 200 18.49 11.29 -19.11
N CYS D 201 19.53 11.77 -19.78
CA CYS D 201 20.62 12.49 -19.11
C CYS D 201 20.96 13.77 -19.85
N LYS D 202 21.65 14.68 -19.17
CA LYS D 202 22.25 15.82 -19.83
C LYS D 202 23.75 15.83 -19.54
N ARG D 203 24.48 16.57 -20.36
CA ARG D 203 25.90 16.74 -20.18
C ARG D 203 26.21 18.24 -20.26
N GLU D 204 26.70 18.78 -19.16
CA GLU D 204 26.98 20.20 -19.05
C GLU D 204 28.38 20.34 -18.49
N ASN D 205 29.32 20.61 -19.39
CA ASN D 205 30.73 20.78 -19.04
C ASN D 205 31.35 19.49 -18.48
N LYS D 206 31.45 18.47 -19.35
CA LYS D 206 32.15 17.22 -19.06
C LYS D 206 31.54 16.35 -17.93
N VAL D 207 30.36 16.73 -17.45
CA VAL D 207 29.67 15.95 -16.43
C VAL D 207 28.21 15.65 -16.81
N ILE D 208 27.88 14.35 -16.85
CA ILE D 208 26.54 13.85 -17.15
C ILE D 208 25.70 13.69 -15.89
N SER D 209 24.41 13.95 -15.98
CA SER D 209 23.53 13.84 -14.80
C SER D 209 22.10 13.64 -15.25
N GLY D 210 21.31 12.89 -14.47
CA GLY D 210 19.98 12.49 -14.91
C GLY D 210 19.03 13.67 -15.06
N VAL D 211 18.00 13.50 -15.89
CA VAL D 211 16.92 14.49 -16.06
C VAL D 211 15.57 13.78 -16.07
N ASP D 212 14.58 14.34 -15.38
CA ASP D 212 13.31 13.66 -15.23
C ASP D 212 12.47 13.66 -16.51
N ALA D 213 12.47 12.50 -17.19
CA ALA D 213 11.83 12.37 -18.48
C ALA D 213 11.66 10.90 -18.84
N VAL D 214 10.92 10.67 -19.91
CA VAL D 214 10.88 9.39 -20.56
C VAL D 214 11.03 9.73 -22.01
N ILE D 215 11.90 9.00 -22.68
CA ILE D 215 12.26 9.33 -24.05
C ILE D 215 11.42 8.45 -24.95
N ASP D 216 11.20 8.92 -26.18
CA ASP D 216 10.48 8.14 -27.17
C ASP D 216 11.32 6.93 -27.57
N LYS D 217 10.91 5.74 -27.13
CA LYS D 217 11.56 4.50 -27.49
C LYS D 217 11.99 4.45 -28.96
N ASP D 218 11.05 4.75 -29.86
CA ASP D 218 11.31 4.67 -31.31
C ASP D 218 12.36 5.66 -31.84
N LEU D 219 12.19 6.95 -31.54
CA LEU D 219 13.19 7.94 -31.94
C LEU D 219 14.58 7.58 -31.44
N ALA D 220 14.65 7.13 -30.19
CA ALA D 220 15.93 6.79 -29.58
C ALA D 220 16.51 5.57 -30.26
N THR D 221 15.64 4.66 -30.70
CA THR D 221 16.11 3.43 -31.33
C THR D 221 16.60 3.74 -32.74
N SER D 222 15.90 4.67 -33.40
CA SER D 222 16.32 5.20 -34.70
C SER D 222 17.66 5.93 -34.61
N LEU D 223 17.89 6.61 -33.48
CA LEU D 223 19.19 7.22 -33.25
C LEU D 223 20.29 6.16 -33.11
N LEU D 224 20.00 5.10 -32.37
CA LEU D 224 20.94 4.00 -32.17
C LEU D 224 21.29 3.34 -33.49
N ALA D 225 20.26 2.92 -34.21
CA ALA D 225 20.41 2.30 -35.53
C ALA D 225 21.27 3.15 -36.47
N LYS D 226 20.93 4.43 -36.57
CA LYS D 226 21.67 5.37 -37.41
C LYS D 226 23.14 5.56 -36.95
N THR D 227 23.38 5.46 -35.65
CA THR D 227 24.75 5.62 -35.15
C THR D 227 25.54 4.33 -35.35
N LEU D 228 24.87 3.19 -35.19
CA LEU D 228 25.47 1.89 -35.52
C LEU D 228 25.67 1.74 -37.05
N ASN D 229 25.07 2.63 -37.81
CA ASN D 229 24.92 2.42 -39.23
C ASN D 229 24.42 1.00 -39.52
N SER D 230 23.31 0.66 -38.87
CA SER D 230 22.72 -0.65 -39.00
C SER D 230 22.26 -0.90 -40.43
N ASP D 231 21.98 -2.16 -40.76
CA ASP D 231 21.53 -2.53 -42.10
C ASP D 231 20.00 -2.44 -42.21
N TYR D 232 19.32 -2.65 -41.09
CA TYR D 232 17.87 -2.46 -40.98
C TYR D 232 17.50 -1.77 -39.67
N LEU D 233 16.49 -0.91 -39.72
CA LEU D 233 15.78 -0.49 -38.50
C LEU D 233 14.43 -1.18 -38.51
N MET D 234 14.02 -1.68 -37.35
CA MET D 234 12.79 -2.45 -37.30
C MET D 234 11.95 -2.20 -36.03
N ILE D 235 10.74 -1.69 -36.26
CA ILE D 235 9.83 -1.34 -35.18
C ILE D 235 8.66 -2.31 -35.18
N LEU D 236 8.51 -3.06 -34.10
CA LEU D 236 7.54 -4.12 -34.04
C LEU D 236 6.34 -3.69 -33.20
N THR D 237 5.16 -4.15 -33.58
CA THR D 237 3.99 -3.91 -32.75
C THR D 237 3.09 -5.14 -32.74
N ASP D 238 1.76 -4.94 -32.68
CA ASP D 238 0.80 -6.02 -32.93
C ASP D 238 -0.06 -5.69 -34.17
N VAL D 239 0.13 -4.49 -34.71
CA VAL D 239 -0.53 -4.04 -35.94
C VAL D 239 0.33 -4.47 -37.15
N LEU D 240 -0.30 -5.14 -38.12
CA LEU D 240 0.45 -5.77 -39.21
C LEU D 240 1.11 -4.79 -40.18
N ASN D 241 0.35 -3.77 -40.56
CA ASN D 241 0.82 -2.78 -41.53
C ASN D 241 0.56 -1.37 -41.01
N ALA D 242 1.35 -0.42 -41.49
CA ALA D 242 1.00 0.99 -41.33
C ALA D 242 -0.20 1.27 -42.23
N CYS D 243 -1.40 1.24 -41.66
CA CYS D 243 -2.65 1.27 -42.42
C CYS D 243 -3.09 2.71 -42.75
N ILE D 244 -4.08 2.85 -43.61
CA ILE D 244 -4.64 4.16 -43.97
C ILE D 244 -6.13 4.06 -44.33
N ARG D 252 -5.97 2.34 -47.70
CA ARG D 252 -5.10 1.26 -48.17
C ARG D 252 -4.08 0.92 -47.09
N LYS D 253 -3.60 -0.33 -47.10
CA LYS D 253 -2.48 -0.73 -46.26
C LYS D 253 -1.16 -0.54 -47.03
N LEU D 254 -0.06 -0.39 -46.29
CA LEU D 254 1.27 -0.19 -46.87
C LEU D 254 2.10 -1.46 -47.02
N GLU D 255 2.48 -1.79 -48.25
CA GLU D 255 3.51 -2.82 -48.44
C GLU D 255 4.86 -2.10 -48.56
N GLU D 256 5.69 -2.48 -49.54
CA GLU D 256 6.90 -1.72 -49.75
C GLU D 256 6.49 -0.32 -50.19
N ILE D 257 7.15 0.69 -49.63
CA ILE D 257 6.86 2.08 -49.98
C ILE D 257 8.16 2.86 -50.12
N LYS D 258 8.07 3.99 -50.81
CA LYS D 258 9.25 4.79 -51.12
C LYS D 258 9.30 5.98 -50.20
N LEU D 259 10.50 6.39 -49.82
CA LEU D 259 10.66 7.49 -48.88
C LEU D 259 9.74 8.67 -49.21
N SER D 260 9.96 9.27 -50.38
CA SER D 260 9.22 10.46 -50.76
C SER D 260 7.72 10.21 -50.75
N GLU D 261 7.32 8.98 -51.07
CA GLU D 261 5.91 8.60 -51.00
C GLU D 261 5.33 8.46 -49.59
N ILE D 262 6.11 7.90 -48.65
CA ILE D 262 5.63 7.81 -47.28
C ILE D 262 5.66 9.21 -46.69
N LEU D 263 6.62 9.99 -47.14
CA LEU D 263 6.82 11.33 -46.61
C LEU D 263 5.72 12.27 -47.11
N ALA D 264 5.17 11.95 -48.28
CA ALA D 264 4.00 12.65 -48.79
C ALA D 264 2.81 12.37 -47.88
N LEU D 265 2.58 11.09 -47.61
CA LEU D 265 1.48 10.67 -46.75
C LEU D 265 1.64 11.24 -45.36
N GLU D 266 2.85 11.68 -45.04
CA GLU D 266 3.11 12.20 -43.72
C GLU D 266 2.82 13.69 -43.65
N LYS D 267 2.73 14.32 -44.81
CA LYS D 267 2.49 15.76 -44.87
C LYS D 267 1.08 16.10 -45.29
N ASP D 268 0.28 15.07 -45.54
CA ASP D 268 -1.18 15.21 -45.64
C ASP D 268 -1.80 14.65 -44.37
N GLY D 269 -0.95 14.24 -43.44
CA GLY D 269 -1.35 13.83 -42.11
C GLY D 269 -2.12 12.52 -42.09
N HIS D 270 -1.64 11.54 -42.84
CA HIS D 270 -2.34 10.26 -42.95
C HIS D 270 -1.98 9.27 -41.83
N PHE D 271 -1.05 9.66 -40.96
CA PHE D 271 -0.71 8.85 -39.80
C PHE D 271 -0.99 9.65 -38.52
N ALA D 272 -1.17 10.96 -38.67
CA ALA D 272 -1.29 11.88 -37.53
C ALA D 272 -2.17 11.37 -36.39
N ALA D 273 -3.09 10.46 -36.72
CA ALA D 273 -3.91 9.81 -35.71
C ALA D 273 -3.15 8.63 -35.07
N GLY D 274 -3.87 7.56 -34.76
CA GLY D 274 -3.31 6.35 -34.20
C GLY D 274 -2.05 6.49 -33.34
N SER D 275 -1.30 5.40 -33.25
CA SER D 275 -0.04 5.42 -32.50
C SER D 275 1.16 5.40 -33.45
N MET D 276 0.89 5.52 -34.75
CA MET D 276 1.91 5.35 -35.77
C MET D 276 2.69 6.63 -36.07
N GLY D 277 2.26 7.74 -35.46
CA GLY D 277 2.92 9.02 -35.68
C GLY D 277 4.43 8.96 -35.50
N PRO D 278 4.88 8.75 -34.25
CA PRO D 278 6.31 8.70 -33.93
C PRO D 278 7.04 7.56 -34.63
N LYS D 279 6.36 6.43 -34.82
CA LYS D 279 6.99 5.26 -35.47
C LYS D 279 7.41 5.55 -36.90
N VAL D 280 6.49 6.12 -37.68
CA VAL D 280 6.76 6.51 -39.06
C VAL D 280 7.80 7.62 -39.05
N ARG D 281 7.70 8.53 -38.08
CA ARG D 281 8.66 9.62 -37.95
C ARG D 281 10.09 9.13 -37.81
N ALA D 282 10.26 7.94 -37.23
CA ALA D 282 11.58 7.40 -36.93
C ALA D 282 12.12 6.48 -38.03
N ALA D 283 11.21 5.81 -38.74
CA ALA D 283 11.65 5.07 -39.92
C ALA D 283 12.18 6.07 -40.94
N ILE D 284 11.37 7.06 -41.29
CA ILE D 284 11.79 8.09 -42.24
C ILE D 284 13.16 8.68 -41.92
N GLU D 285 13.38 9.05 -40.65
CA GLU D 285 14.64 9.68 -40.26
C GLU D 285 15.84 8.77 -40.44
N PHE D 286 15.64 7.48 -40.19
CA PHE D 286 16.71 6.50 -40.34
C PHE D 286 16.99 6.23 -41.83
N THR D 287 15.93 5.95 -42.59
CA THR D 287 16.08 5.72 -44.01
C THR D 287 16.60 6.98 -44.70
N GLN D 288 16.18 8.14 -44.20
CA GLN D 288 16.65 9.41 -44.72
C GLN D 288 18.13 9.61 -44.51
N ALA D 289 18.61 9.24 -43.31
CA ALA D 289 20.00 9.47 -42.94
C ALA D 289 20.97 8.39 -43.47
N THR D 290 20.50 7.15 -43.55
CA THR D 290 21.37 6.03 -43.94
C THR D 290 21.06 5.48 -45.33
N GLY D 291 19.85 5.70 -45.83
CA GLY D 291 19.46 5.14 -47.11
C GLY D 291 19.21 3.64 -47.04
N LYS D 292 19.19 3.08 -45.82
CA LYS D 292 18.86 1.68 -45.61
C LYS D 292 17.39 1.52 -45.21
N MET D 293 16.91 0.28 -45.27
CA MET D 293 15.48 -0.01 -45.13
C MET D 293 15.00 -0.03 -43.68
N SER D 294 13.91 0.68 -43.41
CA SER D 294 13.26 0.60 -42.10
C SER D 294 11.98 -0.22 -42.22
N ILE D 295 11.59 -0.90 -41.16
CA ILE D 295 10.41 -1.74 -41.22
C ILE D 295 9.47 -1.45 -40.06
N ILE D 296 8.16 -1.47 -40.34
CA ILE D 296 7.14 -1.46 -39.29
C ILE D 296 6.16 -2.60 -39.52
N THR D 297 6.31 -3.68 -38.76
CA THR D 297 5.40 -4.82 -38.82
C THR D 297 4.91 -5.17 -37.45
N SER D 298 4.16 -6.26 -37.38
CA SER D 298 3.78 -6.84 -36.12
C SER D 298 4.89 -7.79 -35.70
N LEU D 299 5.07 -7.90 -34.39
CA LEU D 299 5.97 -8.87 -33.82
C LEU D 299 5.72 -10.23 -34.45
N SER D 300 4.45 -10.50 -34.71
CA SER D 300 4.00 -11.79 -35.24
C SER D 300 4.52 -12.06 -36.63
N THR D 301 4.86 -11.00 -37.36
CA THR D 301 5.38 -11.16 -38.71
C THR D 301 6.78 -10.57 -38.85
N ALA D 302 7.59 -10.71 -37.80
CA ALA D 302 8.95 -10.18 -37.80
C ALA D 302 9.81 -10.72 -38.94
N VAL D 303 10.16 -12.01 -38.92
CA VAL D 303 11.03 -12.57 -39.96
C VAL D 303 10.47 -12.36 -41.35
N ASP D 304 9.16 -12.52 -41.43
CA ASP D 304 8.44 -12.37 -42.69
C ASP D 304 8.78 -11.07 -43.39
N ALA D 305 8.70 -9.96 -42.67
CA ALA D 305 9.08 -8.66 -43.23
C ALA D 305 10.48 -8.67 -43.83
N LEU D 306 11.46 -9.18 -43.07
CA LEU D 306 12.84 -9.26 -43.56
C LEU D 306 12.96 -10.12 -44.82
N ASN D 307 12.17 -11.18 -44.88
CA ASN D 307 12.14 -12.05 -46.06
C ASN D 307 11.30 -11.45 -47.18
N GLY D 308 10.90 -10.19 -46.99
CA GLY D 308 10.15 -9.47 -47.99
C GLY D 308 8.77 -10.01 -48.30
N LYS D 309 8.13 -10.62 -47.31
CA LYS D 309 6.79 -11.18 -47.47
C LYS D 309 5.70 -10.20 -47.03
N CYS D 310 5.85 -9.57 -45.87
CA CYS D 310 4.82 -8.60 -45.46
C CYS D 310 5.34 -7.31 -44.82
N GLY D 311 4.52 -6.71 -43.98
CA GLY D 311 4.89 -5.51 -43.27
C GLY D 311 5.23 -4.35 -44.18
N THR D 312 5.44 -3.19 -43.57
CA THR D 312 5.70 -1.96 -44.30
C THR D 312 7.20 -1.68 -44.41
N ARG D 313 7.75 -1.91 -45.59
CA ARG D 313 9.17 -1.74 -45.83
C ARG D 313 9.41 -0.42 -46.52
N ILE D 314 10.04 0.51 -45.80
CA ILE D 314 10.26 1.85 -46.31
C ILE D 314 11.63 1.93 -46.97
N ILE D 315 11.66 2.46 -48.20
CA ILE D 315 12.85 2.37 -49.04
C ILE D 315 13.30 3.73 -49.55
N LYS D 316 14.59 3.85 -49.85
CA LYS D 316 15.11 5.06 -50.50
C LYS D 316 14.74 5.14 -51.99
N ASP D 317 14.34 6.32 -52.44
CA ASP D 317 14.06 6.54 -53.86
C ASP D 317 15.26 6.12 -54.75
C1 CIT E . -24.83 -8.42 -0.02
O1 CIT E . -23.57 -8.25 0.00
O2 CIT E . -25.33 -9.49 -0.42
C2 CIT E . -25.76 -7.31 0.45
C3 CIT E . -26.35 -7.64 1.82
O7 CIT E . -26.68 -9.06 1.90
C4 CIT E . -27.62 -6.84 2.06
C5 CIT E . -28.73 -7.83 2.23
O3 CIT E . -29.75 -7.79 1.50
O4 CIT E . -28.61 -8.72 3.10
C6 CIT E . -25.32 -7.29 2.91
O5 CIT E . -24.76 -6.18 2.84
O6 CIT E . -25.05 -8.08 3.85
C5 DCD F . -40.22 0.04 -9.11
C3 DCD F . -39.73 0.24 -7.69
N1 DCD F . -38.73 -0.78 -7.34
C1 DCD F . -37.92 -0.64 -6.29
S2 DCD F . -36.95 -1.93 -5.78
S1 DCD F . -37.81 0.72 -5.50
C2 DCD F . -38.72 -1.95 -8.20
C4 DCD F . -39.35 -3.13 -7.50
C5 DCD G . 8.23 15.67 35.91
C3 DCD G . 7.60 16.34 34.71
N1 DCD G . 6.23 16.78 35.02
C1 DCD G . 5.98 17.88 35.74
S2 DCD G . 7.27 18.80 36.34
S1 DCD G . 4.39 18.34 36.07
C2 DCD G . 5.17 15.94 34.46
C4 DCD G . 5.72 14.99 33.42
C1 CIT H . -2.52 12.00 19.97
O1 CIT H . -1.46 12.69 19.93
O2 CIT H . -2.96 11.56 18.87
C2 CIT H . -3.18 11.68 21.31
C3 CIT H . -4.50 12.44 21.59
O7 CIT H . -4.29 13.87 21.49
C4 CIT H . -5.08 12.09 22.97
C5 CIT H . -4.54 12.91 24.14
O3 CIT H . -3.86 12.39 25.06
O4 CIT H . -4.80 14.14 24.22
C6 CIT H . -5.52 11.99 20.54
O5 CIT H . -5.75 10.77 20.33
O6 CIT H . -6.14 12.84 19.85
C1 CIT I . 25.47 -3.76 3.35
O1 CIT I . 24.33 -4.09 2.96
O2 CIT I . 25.60 -3.37 4.54
C2 CIT I . 26.67 -3.80 2.43
C3 CIT I . 26.84 -5.16 1.72
O7 CIT I . 26.97 -6.24 2.68
C4 CIT I . 28.09 -5.15 0.83
C5 CIT I . 29.25 -5.66 1.65
O3 CIT I . 29.39 -6.90 1.85
O4 CIT I . 30.09 -4.85 2.13
C6 CIT I . 25.60 -5.41 0.88
O5 CIT I . 25.27 -4.60 0.00
O6 CIT I . 24.90 -6.44 1.05
C5 DCD J . 39.67 7.70 7.66
C3 DCD J . 38.92 6.91 6.60
N1 DCD J . 39.57 5.62 6.35
C1 DCD J . 38.88 4.49 6.17
S2 DCD J . 39.40 3.02 6.82
S1 DCD J . 37.53 4.48 5.37
C2 DCD J . 41.04 5.67 6.30
C4 DCD J . 41.56 5.07 5.01
C1 CIT K . 3.64 2.55 -23.90
O1 CIT K . 3.54 3.70 -24.37
O2 CIT K . 2.70 2.12 -23.20
C2 CIT K . 4.87 1.70 -24.21
C3 CIT K . 5.61 2.28 -25.42
O7 CIT K . 4.63 3.00 -26.22
C4 CIT K . 6.21 1.21 -26.31
C5 CIT K . 5.16 0.88 -27.36
O3 CIT K . 5.29 1.29 -28.54
O4 CIT K . 4.14 0.21 -27.05
C6 CIT K . 6.69 3.28 -25.02
O5 CIT K . 7.13 4.10 -25.88
O6 CIT K . 7.16 3.29 -23.85
#